data_5F5X
#
_entry.id   5F5X
#
_cell.length_a   55.116
_cell.length_b   117.728
_cell.length_c   54.852
_cell.angle_alpha   90.00
_cell.angle_beta   95.27
_cell.angle_gamma   90.00
#
_symmetry.space_group_name_H-M   'P 1 21 1'
#
loop_
_entity.id
_entity.type
_entity.pdbx_description
1 polymer 'MccC family protein Ba3275'
2 non-polymer 'ADENOSINE MONOPHOSPHATE'
3 water water
#
_entity_poly.entity_id   1
_entity_poly.type   'polypeptide(L)'
_entity_poly.pdbx_seq_one_letter_code
;SNA(MSE)LIKPKRLQAGDIVATVSPSWGGAGDSEIRWRYEQGVKRLEEVFGLTVVP(MSE)PNSLKGSEFIYNNPQARA
EDL(MSE)TAFQDTRVKAIIANIGGQDSIRLLPYIDFNAIRENPKIF(MSE)GYADVTISHLFCHKAGLSSFYGPAILTD
FAENVE(MSE)DPYTVE(MSE)VNRTLFSNE(MSE)IGEIQPAPEWTSERLEWIEINKDTRRT(MSE)QQNNGYELLQGS
TTVQGRLIGGCIEVLEFAKGTELWPEKKHWEDSILFFETSEDHPEPSYIKYWLRNYAAQGILQKAKGIIFGKPKDE
(MSE)YYEEYKHEILQV(MSE)KEHNLEDLPILYNLNFGHTEPKFILPYGS(MSE)AEIDCENGSFSILESGVE
;
_entity_poly.pdbx_strand_id   A,B
#
# COMPACT_ATOMS: atom_id res chain seq x y z
N ALA A 3 -20.09 -10.48 19.20
CA ALA A 3 -18.65 -10.52 19.57
C ALA A 3 -17.99 -11.79 19.01
N LEU A 5 -14.29 -11.86 19.25
CA LEU A 5 -12.95 -11.78 19.81
C LEU A 5 -13.02 -12.00 21.32
N ILE A 6 -12.03 -12.69 21.87
CA ILE A 6 -11.98 -12.98 23.30
C ILE A 6 -11.54 -11.73 24.07
N LYS A 7 -12.29 -11.39 25.11
CA LYS A 7 -11.94 -10.26 25.97
C LYS A 7 -11.08 -10.76 27.14
N PRO A 8 -9.82 -10.27 27.23
CA PRO A 8 -8.92 -10.77 28.28
C PRO A 8 -9.29 -10.32 29.69
N LYS A 9 -8.68 -10.93 30.69
CA LYS A 9 -8.98 -10.61 32.09
C LYS A 9 -8.40 -9.27 32.50
N ARG A 10 -9.08 -8.59 33.41
CA ARG A 10 -8.68 -7.27 33.84
C ARG A 10 -7.40 -7.32 34.65
N LEU A 11 -6.65 -6.23 34.63
CA LEU A 11 -5.40 -6.14 35.36
C LEU A 11 -5.65 -5.58 36.75
N GLN A 12 -4.72 -5.84 37.67
CA GLN A 12 -4.81 -5.26 39.01
C GLN A 12 -3.42 -5.23 39.66
N ALA A 13 -3.30 -4.48 40.74
CA ALA A 13 -2.03 -4.36 41.45
C ALA A 13 -1.48 -5.73 41.83
N GLY A 14 -0.20 -5.94 41.55
CA GLY A 14 0.45 -7.19 41.87
C GLY A 14 0.66 -8.06 40.63
N ASP A 15 -0.15 -7.82 39.60
CA ASP A 15 -0.05 -8.59 38.36
C ASP A 15 1.28 -8.35 37.67
N ILE A 16 1.79 -9.38 37.02
CA ILE A 16 3.02 -9.28 36.25
C ILE A 16 2.70 -8.85 34.82
N VAL A 17 3.47 -7.88 34.33
CA VAL A 17 3.35 -7.42 32.95
C VAL A 17 4.67 -7.67 32.23
N ALA A 18 4.58 -8.13 30.98
CA ALA A 18 5.76 -8.36 30.17
C ALA A 18 5.95 -7.19 29.19
N THR A 19 7.20 -6.79 28.99
CA THR A 19 7.54 -5.78 28.00
C THR A 19 8.26 -6.47 26.84
N VAL A 20 7.93 -6.07 25.62
CA VAL A 20 8.49 -6.70 24.43
C VAL A 20 8.90 -5.66 23.39
N SER A 21 9.79 -6.08 22.51
CA SER A 21 10.29 -5.27 21.40
C SER A 21 10.09 -5.98 20.05
N PRO A 22 8.84 -6.09 19.59
CA PRO A 22 8.53 -6.76 18.33
C PRO A 22 8.87 -5.92 17.10
N SER A 23 9.18 -4.65 17.30
CA SER A 23 9.52 -3.76 16.19
C SER A 23 10.95 -3.22 16.35
N TRP A 24 11.09 -1.92 16.57
CA TRP A 24 12.40 -1.33 16.81
C TRP A 24 12.91 -1.77 18.17
N GLY A 25 14.20 -2.07 18.24
CA GLY A 25 14.80 -2.56 19.48
C GLY A 25 15.66 -1.53 20.19
N GLY A 26 15.27 -0.26 20.10
CA GLY A 26 16.04 0.81 20.69
C GLY A 26 16.00 0.85 22.20
N ALA A 27 15.00 0.21 22.80
CA ALA A 27 14.83 0.22 24.24
C ALA A 27 16.07 -0.28 24.97
N GLY A 28 16.78 -1.21 24.34
CA GLY A 28 17.96 -1.81 24.93
C GLY A 28 19.25 -1.07 24.61
N ASP A 29 19.17 -0.09 23.71
CA ASP A 29 20.34 0.69 23.34
C ASP A 29 20.85 1.47 24.56
N SER A 30 22.16 1.65 24.64
CA SER A 30 22.79 2.25 25.81
C SER A 30 22.22 3.62 26.16
N GLU A 31 21.99 4.47 25.16
CA GLU A 31 21.56 5.84 25.41
C GLU A 31 20.05 5.94 25.65
N ILE A 32 19.33 4.85 25.41
CA ILE A 32 17.88 4.82 25.55
C ILE A 32 17.45 4.08 26.82
N ARG A 33 18.27 3.15 27.27
CA ARG A 33 17.91 2.27 28.38
C ARG A 33 17.28 3.04 29.54
N TRP A 34 17.82 4.22 29.82
CA TRP A 34 17.31 5.06 30.90
C TRP A 34 15.81 5.34 30.72
N ARG A 35 15.40 5.53 29.45
CA ARG A 35 14.02 5.84 29.10
C ARG A 35 13.11 4.66 29.37
N TYR A 36 13.56 3.46 28.98
CA TYR A 36 12.81 2.25 29.26
C TYR A 36 12.60 2.10 30.77
N GLU A 37 13.66 2.29 31.55
CA GLU A 37 13.60 2.11 32.99
C GLU A 37 12.65 3.12 33.61
N GLN A 38 12.56 4.30 32.99
CA GLN A 38 11.64 5.32 33.45
C GLN A 38 10.20 4.87 33.21
N GLY A 39 9.96 4.22 32.09
CA GLY A 39 8.64 3.72 31.78
C GLY A 39 8.23 2.60 32.72
N VAL A 40 9.17 1.72 33.01
CA VAL A 40 8.95 0.61 33.96
C VAL A 40 8.55 1.15 35.32
N LYS A 41 9.23 2.23 35.73
CA LYS A 41 9.00 2.85 37.03
C LYS A 41 7.55 3.23 37.24
N ARG A 42 6.95 3.86 36.23
CA ARG A 42 5.54 4.28 36.32
C ARG A 42 4.60 3.08 36.39
N LEU A 43 4.90 2.04 35.61
CA LEU A 43 4.10 0.82 35.67
C LEU A 43 4.10 0.25 37.09
N GLU A 44 5.25 0.32 37.74
CA GLU A 44 5.41 -0.25 39.07
C GLU A 44 4.75 0.63 40.13
N GLU A 45 4.90 1.95 39.98
CA GLU A 45 4.51 2.87 41.04
C GLU A 45 3.09 3.39 40.88
N VAL A 46 2.70 3.72 39.65
CA VAL A 46 1.39 4.31 39.40
C VAL A 46 0.30 3.24 39.33
N PHE A 47 0.65 2.07 38.80
CA PHE A 47 -0.32 0.99 38.59
C PHE A 47 -0.04 -0.22 39.47
N GLY A 48 1.07 -0.20 40.21
CA GLY A 48 1.38 -1.26 41.14
C GLY A 48 1.63 -2.60 40.47
N LEU A 49 2.29 -2.56 39.31
CA LEU A 49 2.50 -3.78 38.53
C LEU A 49 3.96 -4.23 38.57
N THR A 50 4.17 -5.53 38.41
CA THR A 50 5.51 -6.09 38.31
C THR A 50 5.89 -6.25 36.84
N VAL A 51 7.03 -5.67 36.46
CA VAL A 51 7.46 -5.68 35.08
C VAL A 51 8.61 -6.66 34.86
N VAL A 52 8.52 -7.43 33.78
CA VAL A 52 9.57 -8.38 33.43
C VAL A 52 9.86 -8.31 31.93
N PRO A 53 11.08 -7.91 31.55
CA PRO A 53 11.37 -7.87 30.10
C PRO A 53 11.61 -9.27 29.55
N PRO A 55 13.31 -12.18 27.23
CA PRO A 55 14.75 -12.46 27.07
C PRO A 55 15.47 -11.61 26.01
N ASN A 56 14.90 -11.50 24.82
CA ASN A 56 15.58 -10.83 23.71
C ASN A 56 15.23 -9.36 23.57
N SER A 57 14.36 -8.86 24.45
CA SER A 57 13.72 -7.55 24.25
C SER A 57 14.68 -6.37 24.40
N LEU A 58 15.72 -6.53 25.20
CA LEU A 58 16.63 -5.42 25.51
C LEU A 58 18.04 -5.65 25.00
N LYS A 59 18.18 -6.41 23.91
CA LYS A 59 19.50 -6.74 23.37
C LYS A 59 19.97 -5.73 22.32
N GLY A 60 19.23 -4.64 22.16
CA GLY A 60 19.64 -3.58 21.25
C GLY A 60 18.98 -3.64 19.89
N SER A 61 19.03 -2.52 19.18
CA SER A 61 18.33 -2.39 17.90
C SER A 61 18.94 -3.28 16.82
N GLU A 62 20.27 -3.42 16.81
CA GLU A 62 20.93 -4.18 15.77
C GLU A 62 20.55 -5.66 15.83
N PHE A 63 20.64 -6.24 17.02
CA PHE A 63 20.27 -7.65 17.21
C PHE A 63 18.80 -7.88 16.88
N ILE A 64 17.94 -7.02 17.41
CA ILE A 64 16.50 -7.12 17.20
C ILE A 64 16.19 -7.13 15.71
N TYR A 65 16.76 -6.18 14.97
CA TYR A 65 16.48 -6.05 13.54
C TYR A 65 16.90 -7.31 12.77
N ASN A 66 18.02 -7.90 13.18
CA ASN A 66 18.54 -9.07 12.48
C ASN A 66 17.90 -10.39 12.91
N ASN A 67 17.11 -10.36 13.97
CA ASN A 67 16.50 -11.58 14.51
C ASN A 67 14.99 -11.48 14.70
N PRO A 68 14.25 -11.41 13.57
CA PRO A 68 12.78 -11.37 13.67
C PRO A 68 12.23 -12.61 14.38
N GLN A 69 12.90 -13.74 14.25
CA GLN A 69 12.46 -14.96 14.92
C GLN A 69 12.57 -14.80 16.43
N ALA A 70 13.64 -14.17 16.89
CA ALA A 70 13.85 -13.94 18.33
C ALA A 70 12.72 -13.08 18.90
N ARG A 71 12.28 -12.09 18.12
CA ARG A 71 11.17 -11.24 18.50
C ARG A 71 9.88 -12.05 18.66
N ALA A 72 9.65 -12.94 17.70
CA ALA A 72 8.48 -13.82 17.75
C ALA A 72 8.54 -14.70 18.98
N GLU A 73 9.72 -15.28 19.24
CA GLU A 73 9.93 -16.10 20.43
C GLU A 73 9.61 -15.35 21.71
N ASP A 74 9.94 -14.06 21.76
CA ASP A 74 9.66 -13.23 22.94
C ASP A 74 8.16 -13.13 23.15
N LEU A 75 7.42 -12.86 22.06
CA LEU A 75 5.96 -12.77 22.12
C LEU A 75 5.35 -14.08 22.63
N THR A 77 6.73 -16.45 24.31
CA THR A 77 7.13 -16.66 25.69
C THR A 77 6.18 -15.90 26.62
N ALA A 78 5.91 -14.64 26.29
CA ALA A 78 5.02 -13.82 27.11
C ALA A 78 3.61 -14.40 27.16
N PHE A 79 3.12 -14.87 26.03
CA PHE A 79 1.77 -15.45 25.98
C PHE A 79 1.70 -16.79 26.69
N GLN A 80 2.72 -17.63 26.54
CA GLN A 80 2.69 -18.97 27.11
C GLN A 80 3.04 -19.00 28.59
N ASP A 81 3.48 -17.87 29.14
CA ASP A 81 3.76 -17.78 30.56
C ASP A 81 2.52 -17.30 31.33
N THR A 82 1.91 -18.21 32.08
CA THR A 82 0.65 -17.93 32.75
C THR A 82 0.77 -16.90 33.87
N ARG A 83 2.00 -16.58 34.27
CA ARG A 83 2.22 -15.54 35.27
C ARG A 83 2.03 -14.16 34.64
N VAL A 84 2.23 -14.08 33.33
CA VAL A 84 2.08 -12.81 32.61
C VAL A 84 0.61 -12.51 32.34
N LYS A 85 0.13 -11.42 32.92
CA LYS A 85 -1.28 -11.03 32.79
C LYS A 85 -1.46 -9.94 31.74
N ALA A 86 -0.37 -9.31 31.33
CA ALA A 86 -0.44 -8.29 30.29
C ALA A 86 0.88 -8.15 29.55
N ILE A 87 0.80 -7.73 28.29
CA ILE A 87 1.98 -7.53 27.46
C ILE A 87 1.94 -6.15 26.84
N ILE A 88 3.03 -5.41 26.98
CA ILE A 88 3.11 -4.05 26.45
C ILE A 88 4.34 -3.87 25.58
N ALA A 89 4.13 -3.36 24.37
CA ALA A 89 5.22 -3.10 23.45
C ALA A 89 6.05 -1.93 23.94
N ASN A 90 7.36 -1.98 23.72
CA ASN A 90 8.22 -0.89 24.14
C ASN A 90 8.09 0.30 23.20
N ILE A 91 7.89 0.00 21.92
CA ILE A 91 7.93 1.02 20.88
C ILE A 91 7.54 0.40 19.54
N GLY A 92 7.10 1.25 18.61
CA GLY A 92 6.83 0.82 17.25
C GLY A 92 8.09 0.62 16.43
N GLY A 93 7.97 0.79 15.13
CA GLY A 93 9.09 0.57 14.21
C GLY A 93 8.60 0.56 12.78
N GLN A 94 8.93 -0.49 12.03
CA GLN A 94 8.51 -0.60 10.64
C GLN A 94 8.52 -2.01 10.06
N ASP A 95 9.15 -2.97 10.74
CA ASP A 95 9.39 -4.28 10.12
C ASP A 95 8.85 -5.48 10.91
N SER A 96 7.87 -5.25 11.79
CA SER A 96 7.33 -6.33 12.60
C SER A 96 6.61 -7.35 11.73
N ILE A 97 6.31 -6.97 10.48
CA ILE A 97 5.68 -7.87 9.53
C ILE A 97 6.57 -9.09 9.29
N ARG A 98 7.87 -8.93 9.55
CA ARG A 98 8.82 -10.01 9.33
C ARG A 98 8.67 -11.13 10.36
N LEU A 99 7.87 -10.89 11.39
CA LEU A 99 7.63 -11.90 12.42
C LEU A 99 6.65 -12.98 11.94
N LEU A 100 5.82 -12.61 10.96
CA LEU A 100 4.69 -13.45 10.55
C LEU A 100 5.02 -14.94 10.41
N PRO A 101 6.13 -15.27 9.74
CA PRO A 101 6.46 -16.69 9.54
C PRO A 101 6.72 -17.46 10.84
N TYR A 102 6.94 -16.74 11.94
CA TYR A 102 7.34 -17.39 13.18
C TYR A 102 6.27 -17.34 14.27
N ILE A 103 5.05 -16.96 13.89
CA ILE A 103 3.98 -16.82 14.89
C ILE A 103 3.18 -18.10 15.01
N ASP A 104 3.09 -18.60 16.23
CA ASP A 104 2.18 -19.71 16.55
C ASP A 104 0.88 -19.13 17.09
N PHE A 105 -0.08 -18.89 16.19
CA PHE A 105 -1.35 -18.26 16.55
C PHE A 105 -2.13 -19.05 17.59
N ASN A 106 -1.94 -20.37 17.60
CA ASN A 106 -2.62 -21.22 18.56
C ASN A 106 -2.16 -20.92 19.98
N ALA A 107 -0.89 -20.57 20.12
CA ALA A 107 -0.34 -20.21 21.42
C ALA A 107 -1.02 -18.94 21.96
N ILE A 108 -1.35 -18.03 21.05
CA ILE A 108 -2.07 -16.83 21.44
C ILE A 108 -3.50 -17.21 21.80
N ARG A 109 -4.11 -18.02 20.95
CA ARG A 109 -5.50 -18.41 21.13
C ARG A 109 -5.70 -19.10 22.48
N GLU A 110 -4.70 -19.86 22.92
CA GLU A 110 -4.83 -20.64 24.15
C GLU A 110 -4.44 -19.86 25.40
N ASN A 111 -3.92 -18.64 25.22
CA ASN A 111 -3.48 -17.82 26.35
C ASN A 111 -3.94 -16.37 26.26
N PRO A 112 -5.27 -16.17 26.31
CA PRO A 112 -5.84 -14.82 26.26
C PRO A 112 -5.31 -13.91 27.37
N LYS A 113 -4.85 -12.73 27.00
CA LYS A 113 -4.34 -11.75 27.96
C LYS A 113 -4.19 -10.39 27.29
N ILE A 114 -3.96 -9.36 28.09
CA ILE A 114 -3.84 -8.00 27.58
C ILE A 114 -2.58 -7.86 26.72
N PHE A 115 -2.77 -7.29 25.53
CA PHE A 115 -1.65 -6.90 24.68
C PHE A 115 -1.89 -5.48 24.16
N GLY A 117 -0.18 -1.59 22.53
CA GLY A 117 0.83 -0.89 21.76
C GLY A 117 0.17 -0.25 20.56
N TYR A 118 0.92 0.52 19.79
CA TYR A 118 0.36 1.16 18.60
C TYR A 118 1.41 1.32 17.50
N ALA A 119 1.05 2.04 16.44
CA ALA A 119 1.95 2.27 15.30
C ALA A 119 2.27 0.94 14.63
N ASP A 120 3.56 0.61 14.47
CA ASP A 120 3.93 -0.64 13.80
C ASP A 120 3.50 -1.86 14.60
N VAL A 121 3.11 -1.64 15.85
CA VAL A 121 2.60 -2.73 16.69
C VAL A 121 1.23 -3.17 16.18
N THR A 122 0.64 -2.37 15.28
CA THR A 122 -0.59 -2.76 14.60
C THR A 122 -0.48 -4.20 14.06
N ILE A 123 0.69 -4.55 13.52
CA ILE A 123 0.92 -5.89 13.01
C ILE A 123 0.75 -6.93 14.11
N SER A 124 1.30 -6.65 15.29
CA SER A 124 1.17 -7.56 16.42
C SER A 124 -0.29 -7.64 16.89
N HIS A 125 -1.03 -6.55 16.75
CA HIS A 125 -2.45 -6.57 17.08
C HIS A 125 -3.17 -7.51 16.13
N LEU A 126 -2.71 -7.57 14.89
CA LEU A 126 -3.35 -8.42 13.90
C LEU A 126 -3.04 -9.89 14.21
N PHE A 127 -1.87 -10.17 14.77
CA PHE A 127 -1.57 -11.52 15.25
C PHE A 127 -2.66 -11.94 16.25
N CYS A 128 -2.85 -11.12 17.28
CA CYS A 128 -3.88 -11.38 18.28
C CYS A 128 -5.25 -11.49 17.64
N HIS A 129 -5.56 -10.55 16.77
CA HIS A 129 -6.86 -10.50 16.10
C HIS A 129 -7.15 -11.79 15.35
N LYS A 130 -6.13 -12.31 14.66
CA LYS A 130 -6.27 -13.54 13.90
C LYS A 130 -6.45 -14.74 14.82
N ALA A 131 -5.88 -14.64 16.02
CA ALA A 131 -6.02 -15.68 17.03
C ALA A 131 -7.34 -15.58 17.78
N GLY A 132 -8.13 -14.56 17.44
CA GLY A 132 -9.43 -14.36 18.05
C GLY A 132 -9.34 -13.65 19.40
N LEU A 133 -8.24 -12.94 19.62
CA LEU A 133 -8.01 -12.23 20.87
C LEU A 133 -8.13 -10.72 20.64
N SER A 134 -8.91 -10.07 21.51
CA SER A 134 -9.04 -8.62 21.48
C SER A 134 -7.84 -7.94 22.13
N SER A 135 -7.07 -7.21 21.32
CA SER A 135 -5.90 -6.47 21.81
C SER A 135 -6.20 -4.99 21.95
N PHE A 136 -5.25 -4.22 22.47
CA PHE A 136 -5.52 -2.82 22.82
C PHE A 136 -4.62 -1.86 22.08
N TYR A 137 -5.20 -1.07 21.18
CA TYR A 137 -4.46 -0.03 20.49
C TYR A 137 -4.27 1.12 21.46
N GLY A 138 -3.08 1.21 22.05
CA GLY A 138 -2.85 2.17 23.12
C GLY A 138 -1.39 2.49 23.38
N PRO A 139 -1.11 3.16 24.51
CA PRO A 139 0.23 3.67 24.82
C PRO A 139 1.30 2.59 24.92
N ALA A 140 2.53 2.98 24.60
CA ALA A 140 3.70 2.10 24.72
C ALA A 140 4.62 2.61 25.82
N ILE A 141 5.65 1.82 26.14
CA ILE A 141 6.54 2.15 27.25
C ILE A 141 7.31 3.45 27.04
N LEU A 142 8.01 3.55 25.91
CA LEU A 142 8.96 4.64 25.70
C LEU A 142 8.30 5.97 25.33
N THR A 143 7.08 5.93 24.81
CA THR A 143 6.41 7.13 24.33
C THR A 143 5.41 7.71 25.33
N ASP A 144 4.82 6.85 26.15
CA ASP A 144 3.74 7.28 27.03
C ASP A 144 4.07 7.05 28.51
N PHE A 145 4.39 5.82 28.86
CA PHE A 145 4.66 5.49 30.25
C PHE A 145 5.94 6.16 30.74
N ALA A 146 6.85 6.46 29.82
CA ALA A 146 8.13 7.02 30.20
C ALA A 146 8.19 8.54 29.99
N GLU A 147 7.02 9.17 29.86
CA GLU A 147 6.94 10.61 29.66
C GLU A 147 7.73 11.31 30.77
N ASN A 148 8.57 12.28 30.39
CA ASN A 148 9.43 12.96 31.35
C ASN A 148 8.66 13.70 32.43
N VAL A 149 9.21 13.69 33.64
CA VAL A 149 8.67 14.41 34.78
C VAL A 149 7.40 13.77 35.33
N GLU A 150 6.38 13.61 34.50
CA GLU A 150 5.15 12.96 34.96
C GLU A 150 4.33 12.44 33.78
N ASP A 152 0.94 11.77 31.66
CA ASP A 152 -0.21 12.63 31.45
C ASP A 152 -1.41 12.03 32.18
N PRO A 153 -2.13 12.86 32.98
CA PRO A 153 -3.29 12.32 33.71
C PRO A 153 -4.33 11.69 32.80
N TYR A 154 -4.42 12.19 31.57
CA TYR A 154 -5.39 11.68 30.60
C TYR A 154 -5.08 10.23 30.26
N THR A 155 -3.83 9.96 29.92
CA THR A 155 -3.41 8.60 29.60
C THR A 155 -3.60 7.66 30.78
N VAL A 156 -3.20 8.11 31.97
CA VAL A 156 -3.34 7.29 33.18
C VAL A 156 -4.80 6.91 33.40
N GLU A 157 -5.68 7.90 33.30
CA GLU A 157 -7.11 7.68 33.49
C GLU A 157 -7.63 6.60 32.55
N VAL A 159 -5.95 4.24 30.94
CA VAL A 159 -5.41 2.93 31.27
C VAL A 159 -6.23 2.30 32.39
N ASN A 160 -6.53 3.09 33.42
CA ASN A 160 -7.34 2.61 34.53
C ASN A 160 -8.71 2.15 34.05
N ARG A 161 -9.38 3.00 33.27
CA ARG A 161 -10.75 2.75 32.83
C ARG A 161 -10.84 1.57 31.87
N THR A 162 -9.77 1.32 31.12
CA THR A 162 -9.78 0.31 30.08
C THR A 162 -9.29 -1.05 30.58
N LEU A 163 -8.28 -1.06 31.43
CA LEU A 163 -7.60 -2.30 31.79
C LEU A 163 -7.74 -2.71 33.25
N PHE A 164 -8.27 -1.82 34.09
CA PHE A 164 -8.43 -2.09 35.51
C PHE A 164 -9.89 -2.08 35.94
N SER A 165 -10.80 -2.01 34.98
CA SER A 165 -12.23 -1.98 35.27
C SER A 165 -13.00 -2.83 34.27
N ASN A 166 -13.89 -3.66 34.79
CA ASN A 166 -14.74 -4.50 33.93
C ASN A 166 -16.09 -3.85 33.66
N GLU A 167 -16.15 -2.54 33.90
CA GLU A 167 -17.36 -1.77 33.62
C GLU A 167 -17.20 -0.96 32.33
N ILE A 169 -16.56 1.49 29.50
CA ILE A 169 -15.66 2.62 29.40
C ILE A 169 -16.44 3.93 29.31
N GLY A 170 -17.47 3.93 28.47
CA GLY A 170 -18.34 5.08 28.34
C GLY A 170 -17.79 6.10 27.36
N GLU A 171 -18.26 7.33 27.48
CA GLU A 171 -17.86 8.39 26.56
C GLU A 171 -16.40 8.77 26.76
N ILE A 172 -15.70 8.97 25.65
CA ILE A 172 -14.30 9.39 25.67
C ILE A 172 -14.23 10.88 25.41
N GLN A 173 -13.96 11.65 26.45
CA GLN A 173 -13.83 13.09 26.33
C GLN A 173 -12.52 13.43 25.62
N PRO A 174 -12.48 14.55 24.89
CA PRO A 174 -11.23 14.96 24.26
C PRO A 174 -10.24 15.52 25.28
N ALA A 175 -8.96 15.23 25.09
CA ALA A 175 -7.94 15.75 25.99
C ALA A 175 -7.93 17.28 25.94
N PRO A 176 -7.55 17.94 27.05
CA PRO A 176 -7.50 19.41 27.06
C PRO A 176 -6.23 19.94 26.40
N GLU A 177 -5.19 19.14 26.38
CA GLU A 177 -3.92 19.53 25.78
C GLU A 177 -3.28 18.35 25.05
N TRP A 178 -2.35 18.66 24.15
CA TRP A 178 -1.67 17.63 23.39
C TRP A 178 -0.26 18.07 23.04
N THR A 179 0.57 17.11 22.62
CA THR A 179 1.92 17.42 22.20
C THR A 179 2.47 16.32 21.31
N SER A 180 3.36 16.71 20.40
CA SER A 180 4.16 15.77 19.62
C SER A 180 5.57 16.34 19.50
N GLU A 181 5.91 17.27 20.40
CA GLU A 181 7.21 17.91 20.39
C GLU A 181 8.32 16.86 20.50
N ARG A 182 9.36 17.02 19.70
CA ARG A 182 10.51 16.11 19.76
C ARG A 182 11.49 16.56 20.83
N LEU A 183 11.55 15.80 21.92
CA LEU A 183 12.54 16.00 22.96
C LEU A 183 13.39 14.74 23.04
N GLU A 184 14.64 14.84 22.59
CA GLU A 184 15.51 13.67 22.45
C GLU A 184 15.49 12.80 23.72
N TRP A 185 15.43 11.49 23.51
CA TRP A 185 15.41 10.54 24.62
C TRP A 185 16.80 10.29 25.19
N ILE A 186 17.47 11.37 25.59
CA ILE A 186 18.74 11.27 26.30
C ILE A 186 18.51 11.74 27.74
N GLU A 187 19.14 11.07 28.69
CA GLU A 187 18.85 11.27 30.11
C GLU A 187 19.06 12.71 30.57
N ILE A 188 19.85 13.46 29.82
CA ILE A 188 20.09 14.86 30.16
C ILE A 188 18.79 15.68 30.11
N ASN A 189 17.80 15.16 29.39
CA ASN A 189 16.53 15.87 29.20
C ASN A 189 15.42 15.40 30.13
N LYS A 190 15.70 14.38 30.94
CA LYS A 190 14.66 13.71 31.73
C LYS A 190 13.93 14.67 32.68
N ASP A 191 14.58 15.76 33.06
CA ASP A 191 13.98 16.74 33.96
C ASP A 191 13.32 17.89 33.20
N THR A 192 13.14 17.72 31.90
CA THR A 192 12.50 18.73 31.06
C THR A 192 11.12 18.24 30.62
N ARG A 193 10.10 19.02 30.94
CA ARG A 193 8.74 18.76 30.46
C ARG A 193 8.60 19.15 29.00
N ARG A 194 7.80 18.40 28.25
CA ARG A 194 7.48 18.78 26.87
C ARG A 194 6.42 19.87 26.88
N THR A 195 6.54 20.83 25.97
CA THR A 195 5.55 21.90 25.86
C THR A 195 4.24 21.34 25.33
N GLN A 197 0.17 21.82 23.87
CA GLN A 197 -0.63 22.68 23.00
C GLN A 197 -2.09 22.48 23.31
N GLN A 198 -2.87 23.57 23.29
CA GLN A 198 -4.29 23.47 23.60
C GLN A 198 -5.01 22.65 22.52
N ASN A 199 -5.93 21.81 22.97
CA ASN A 199 -6.69 20.95 22.07
C ASN A 199 -8.09 21.50 21.82
N ASN A 200 -8.53 21.47 20.57
CA ASN A 200 -9.81 22.08 20.19
C ASN A 200 -11.00 21.12 20.22
N GLY A 201 -10.72 19.81 20.30
CA GLY A 201 -11.79 18.83 20.39
C GLY A 201 -11.98 18.10 19.09
N TYR A 202 -13.03 17.27 19.04
CA TYR A 202 -13.32 16.46 17.86
C TYR A 202 -13.99 17.29 16.78
N GLU A 203 -13.83 16.85 15.53
CA GLU A 203 -14.49 17.48 14.40
C GLU A 203 -15.27 16.46 13.59
N LEU A 204 -16.56 16.70 13.43
CA LEU A 204 -17.41 15.87 12.58
C LEU A 204 -17.28 16.34 11.14
N LEU A 205 -16.63 15.53 10.31
CA LEU A 205 -16.43 15.88 8.90
C LEU A 205 -17.72 15.67 8.10
N GLN A 206 -18.46 14.62 8.44
CA GLN A 206 -19.72 14.33 7.78
C GLN A 206 -20.53 13.35 8.64
N GLY A 207 -21.82 13.27 8.38
CA GLY A 207 -22.70 12.39 9.12
C GLY A 207 -23.78 13.15 9.85
N SER A 208 -24.94 12.52 10.02
CA SER A 208 -26.08 13.16 10.68
C SER A 208 -26.88 12.17 11.52
N THR A 209 -26.25 11.05 11.89
CA THR A 209 -26.93 10.02 12.67
C THR A 209 -26.04 9.44 13.76
N THR A 210 -26.65 8.72 14.69
CA THR A 210 -25.90 8.01 15.72
C THR A 210 -25.75 6.56 15.32
N VAL A 211 -24.50 6.11 15.24
CA VAL A 211 -24.19 4.76 14.76
C VAL A 211 -23.34 3.98 15.75
N GLN A 212 -23.53 2.66 15.76
CA GLN A 212 -22.74 1.78 16.60
C GLN A 212 -22.09 0.68 15.76
N GLY A 213 -20.85 0.35 16.09
CA GLY A 213 -20.13 -0.70 15.39
C GLY A 213 -18.91 -1.14 16.16
N ARG A 214 -18.33 -2.27 15.76
CA ARG A 214 -17.18 -2.82 16.46
C ARG A 214 -15.87 -2.30 15.87
N LEU A 215 -14.94 -1.96 16.75
CA LEU A 215 -13.72 -1.27 16.34
C LEU A 215 -12.74 -2.20 15.63
N ILE A 216 -12.16 -1.69 14.54
CA ILE A 216 -11.10 -2.39 13.83
C ILE A 216 -10.30 -1.35 13.06
N GLY A 217 -9.00 -1.58 12.93
CA GLY A 217 -8.14 -0.65 12.22
C GLY A 217 -6.78 -0.51 12.88
N GLY A 218 -6.22 0.70 12.83
CA GLY A 218 -4.93 0.97 13.42
C GLY A 218 -4.18 2.05 12.66
N CYS A 219 -2.85 1.99 12.68
CA CYS A 219 -2.05 2.91 11.88
C CYS A 219 -2.28 2.63 10.41
N ILE A 220 -2.79 3.62 9.69
CA ILE A 220 -3.23 3.41 8.32
C ILE A 220 -2.07 3.02 7.40
N GLU A 221 -0.87 3.48 7.74
CA GLU A 221 0.32 3.18 6.96
C GLU A 221 0.75 1.73 7.14
N VAL A 222 0.65 1.25 8.37
CA VAL A 222 1.11 -0.09 8.71
C VAL A 222 0.12 -1.14 8.23
N LEU A 223 -1.17 -0.82 8.29
CA LEU A 223 -2.19 -1.74 7.81
C LEU A 223 -1.91 -2.14 6.36
N GLU A 224 -1.32 -1.22 5.60
CA GLU A 224 -0.96 -1.50 4.22
C GLU A 224 0.03 -2.66 4.14
N PHE A 225 0.87 -2.81 5.17
CA PHE A 225 1.85 -3.88 5.19
C PHE A 225 1.18 -5.26 5.14
N ALA A 226 -0.03 -5.35 5.70
CA ALA A 226 -0.71 -6.63 5.87
C ALA A 226 -1.71 -6.93 4.76
N LYS A 227 -2.03 -5.95 3.93
CA LYS A 227 -3.03 -6.16 2.87
C LYS A 227 -2.59 -7.26 1.92
N GLY A 228 -3.51 -8.19 1.65
CA GLY A 228 -3.23 -9.28 0.73
C GLY A 228 -2.56 -10.45 1.41
N THR A 229 -2.19 -10.29 2.68
CA THR A 229 -1.52 -11.36 3.40
C THR A 229 -2.51 -12.18 4.22
N GLU A 230 -2.06 -13.33 4.72
CA GLU A 230 -2.91 -14.18 5.53
C GLU A 230 -3.23 -13.54 6.87
N LEU A 231 -2.56 -12.44 7.17
CA LEU A 231 -2.74 -11.73 8.43
C LEU A 231 -3.94 -10.77 8.39
N TRP A 232 -4.40 -10.44 7.18
CA TRP A 232 -5.52 -9.51 7.02
C TRP A 232 -6.81 -10.11 7.58
N PRO A 233 -7.59 -9.31 8.35
CA PRO A 233 -8.80 -9.86 9.00
C PRO A 233 -9.82 -10.46 8.03
N GLU A 234 -10.42 -11.57 8.44
CA GLU A 234 -11.50 -12.22 7.68
C GLU A 234 -12.63 -11.26 7.37
N LYS A 235 -13.47 -11.63 6.40
CA LYS A 235 -14.51 -10.72 5.89
C LYS A 235 -15.48 -10.27 6.98
N LYS A 236 -15.92 -11.20 7.82
CA LYS A 236 -16.97 -10.88 8.79
C LYS A 236 -16.52 -9.82 9.82
N HIS A 237 -15.21 -9.66 9.98
CA HIS A 237 -14.68 -8.67 10.91
C HIS A 237 -14.89 -7.24 10.44
N TRP A 238 -15.25 -7.08 9.16
CA TRP A 238 -15.43 -5.74 8.59
C TRP A 238 -16.90 -5.33 8.52
N GLU A 239 -17.80 -6.25 8.84
CA GLU A 239 -19.23 -5.97 8.80
C GLU A 239 -19.66 -5.12 10.00
N ASP A 240 -20.43 -4.06 9.74
CA ASP A 240 -20.94 -3.17 10.78
C ASP A 240 -19.83 -2.69 11.70
N SER A 241 -18.75 -2.23 11.10
CA SER A 241 -17.57 -1.85 11.85
C SER A 241 -17.49 -0.36 12.08
N ILE A 242 -16.71 0.02 13.08
CA ILE A 242 -16.23 1.38 13.24
C ILE A 242 -14.75 1.34 12.94
N LEU A 243 -14.36 1.87 11.79
CA LEU A 243 -12.95 1.93 11.41
C LEU A 243 -12.25 3.04 12.18
N PHE A 244 -11.01 2.79 12.58
CA PHE A 244 -10.20 3.85 13.18
C PHE A 244 -8.81 3.85 12.56
N PHE A 245 -8.39 5.04 12.13
CA PHE A 245 -7.11 5.22 11.47
C PHE A 245 -6.33 6.36 12.09
N GLU A 246 -5.01 6.21 12.16
CA GLU A 246 -4.13 7.28 12.62
C GLU A 246 -2.88 7.27 11.75
N THR A 247 -2.30 8.45 11.55
CA THR A 247 -1.11 8.61 10.71
C THR A 247 0.15 8.69 11.55
N SER A 248 1.25 8.16 11.03
CA SER A 248 2.48 8.03 11.80
C SER A 248 3.35 9.27 11.72
N GLU A 249 4.61 9.14 12.13
CA GLU A 249 5.52 10.27 12.22
C GLU A 249 6.14 10.62 10.88
N ASP A 250 6.03 9.72 9.90
CA ASP A 250 6.57 10.01 8.58
C ASP A 250 5.72 11.06 7.87
N HIS A 251 4.55 11.39 8.44
CA HIS A 251 3.67 12.39 7.87
C HIS A 251 3.32 12.03 6.43
N PRO A 252 2.59 10.91 6.24
CA PRO A 252 2.27 10.45 4.89
C PRO A 252 1.57 11.53 4.08
N GLU A 253 2.01 11.74 2.84
CA GLU A 253 1.42 12.78 2.01
C GLU A 253 -0.07 12.51 1.81
N PRO A 254 -0.88 13.59 1.79
CA PRO A 254 -2.35 13.46 1.64
C PRO A 254 -2.78 12.52 0.52
N SER A 255 -2.04 12.50 -0.58
CA SER A 255 -2.41 11.68 -1.73
C SER A 255 -2.42 10.20 -1.36
N TYR A 256 -1.52 9.81 -0.46
CA TYR A 256 -1.43 8.42 -0.04
C TYR A 256 -2.63 8.01 0.80
N ILE A 257 -3.13 8.93 1.61
CA ILE A 257 -4.36 8.70 2.36
C ILE A 257 -5.48 8.41 1.38
N LYS A 258 -5.56 9.25 0.35
CA LYS A 258 -6.55 9.07 -0.70
C LYS A 258 -6.45 7.69 -1.34
N TYR A 259 -5.24 7.30 -1.73
CA TYR A 259 -5.01 6.00 -2.36
C TYR A 259 -5.39 4.85 -1.43
N TRP A 260 -4.97 4.96 -0.18
CA TRP A 260 -5.23 3.90 0.79
C TRP A 260 -6.72 3.75 1.05
N LEU A 261 -7.43 4.86 1.16
CA LEU A 261 -8.88 4.82 1.36
C LEU A 261 -9.58 4.29 0.10
N ARG A 262 -9.10 4.69 -1.07
CA ARG A 262 -9.63 4.17 -2.32
C ARG A 262 -9.58 2.64 -2.32
N ASN A 263 -8.50 2.09 -1.76
CA ASN A 263 -8.35 0.64 -1.71
C ASN A 263 -9.35 -0.01 -0.77
N TYR A 264 -9.61 0.63 0.37
CA TYR A 264 -10.61 0.13 1.30
C TYR A 264 -11.98 0.10 0.64
N ALA A 265 -12.21 1.03 -0.28
CA ALA A 265 -13.44 1.02 -1.07
C ALA A 265 -13.41 -0.11 -2.10
N ALA A 266 -12.22 -0.37 -2.65
CA ALA A 266 -12.08 -1.44 -3.65
C ALA A 266 -12.24 -2.81 -3.00
N GLN A 267 -12.01 -2.88 -1.69
CA GLN A 267 -12.18 -4.11 -0.94
C GLN A 267 -13.63 -4.28 -0.48
N GLY A 268 -14.39 -3.18 -0.53
CA GLY A 268 -15.76 -3.19 -0.08
C GLY A 268 -15.88 -2.92 1.41
N ILE A 269 -14.78 -2.48 2.02
CA ILE A 269 -14.74 -2.26 3.46
C ILE A 269 -15.50 -1.00 3.87
N LEU A 270 -15.27 0.09 3.15
CA LEU A 270 -15.92 1.36 3.48
C LEU A 270 -17.44 1.21 3.36
N GLN A 271 -17.87 0.35 2.43
CA GLN A 271 -19.29 0.16 2.18
C GLN A 271 -19.99 -0.59 3.31
N LYS A 272 -19.21 -1.27 4.15
CA LYS A 272 -19.74 -2.04 5.26
C LYS A 272 -19.63 -1.30 6.58
N ALA A 273 -18.79 -0.27 6.62
CA ALA A 273 -18.54 0.47 7.84
C ALA A 273 -19.78 1.22 8.32
N LYS A 274 -19.91 1.33 9.64
CA LYS A 274 -20.97 2.14 10.24
C LYS A 274 -20.44 3.55 10.50
N GLY A 275 -19.11 3.67 10.60
CA GLY A 275 -18.49 4.95 10.84
C GLY A 275 -16.98 4.84 10.82
N ILE A 276 -16.31 6.00 10.85
CA ILE A 276 -14.86 6.05 10.85
C ILE A 276 -14.37 7.13 11.80
N ILE A 277 -13.28 6.85 12.51
CA ILE A 277 -12.65 7.86 13.34
C ILE A 277 -11.17 8.00 12.98
N PHE A 278 -10.69 9.24 13.01
CA PHE A 278 -9.31 9.55 12.67
C PHE A 278 -8.59 10.17 13.87
N GLY A 279 -7.35 9.75 14.07
CA GLY A 279 -6.52 10.29 15.14
C GLY A 279 -5.87 11.59 14.72
N LYS A 280 -5.56 12.44 15.69
CA LYS A 280 -4.85 13.67 15.43
C LYS A 280 -3.53 13.37 14.72
N PRO A 281 -3.28 14.02 13.56
CA PRO A 281 -1.98 13.80 12.92
C PRO A 281 -0.85 14.31 13.80
N LYS A 282 0.31 13.66 13.76
CA LYS A 282 1.47 14.12 14.52
C LYS A 282 1.78 15.55 14.11
N ASP A 283 1.97 16.43 15.09
CA ASP A 283 2.26 17.83 14.82
C ASP A 283 1.13 18.51 14.06
N GLU A 284 -0.04 17.86 14.03
CA GLU A 284 -1.17 18.35 13.24
C GLU A 284 -0.75 18.68 11.81
N TYR A 286 -0.63 18.30 7.90
CA TYR A 286 -1.62 17.88 6.92
C TYR A 286 -3.00 17.72 7.54
N TYR A 287 -3.26 18.46 8.61
CA TYR A 287 -4.53 18.40 9.31
C TYR A 287 -5.69 18.69 8.36
N GLU A 288 -5.62 19.82 7.67
CA GLU A 288 -6.70 20.23 6.77
C GLU A 288 -6.66 19.46 5.45
N GLU A 289 -5.46 19.08 5.01
CA GLU A 289 -5.30 18.38 3.74
C GLU A 289 -5.91 16.99 3.79
N TYR A 290 -5.68 16.27 4.89
CA TYR A 290 -6.26 14.93 5.05
C TYR A 290 -7.78 14.99 4.96
N LYS A 291 -8.37 16.05 5.53
CA LYS A 291 -9.82 16.23 5.48
C LYS A 291 -10.32 16.23 4.05
N HIS A 292 -9.62 16.98 3.19
CA HIS A 292 -9.98 17.07 1.78
C HIS A 292 -9.95 15.69 1.13
N GLU A 293 -8.86 14.95 1.35
CA GLU A 293 -8.69 13.66 0.70
C GLU A 293 -9.76 12.67 1.17
N ILE A 294 -10.07 12.69 2.46
CA ILE A 294 -11.07 11.78 3.03
C ILE A 294 -12.44 12.07 2.42
N LEU A 295 -12.88 13.32 2.52
CA LEU A 295 -14.20 13.69 2.00
C LEU A 295 -14.30 13.43 0.50
N GLN A 296 -13.17 13.55 -0.20
CA GLN A 296 -13.14 13.29 -1.64
C GLN A 296 -13.48 11.83 -1.93
N VAL A 297 -12.81 10.92 -1.24
CA VAL A 297 -13.02 9.48 -1.45
C VAL A 297 -14.48 9.13 -1.17
N LYS A 299 -17.02 11.00 -1.42
CA LYS A 299 -17.81 11.55 -2.51
C LYS A 299 -17.71 10.63 -3.73
N GLU A 300 -16.53 10.06 -3.96
CA GLU A 300 -16.30 9.22 -5.12
C GLU A 300 -17.14 7.94 -5.08
N HIS A 301 -17.42 7.45 -3.88
CA HIS A 301 -18.11 6.19 -3.73
C HIS A 301 -19.50 6.35 -3.12
N ASN A 302 -20.03 7.57 -3.17
CA ASN A 302 -21.37 7.85 -2.65
C ASN A 302 -21.51 7.41 -1.19
N LEU A 303 -20.60 7.88 -0.34
CA LEU A 303 -20.64 7.57 1.08
C LEU A 303 -20.57 8.86 1.89
N GLU A 304 -21.28 9.88 1.42
CA GLU A 304 -21.24 11.18 2.05
C GLU A 304 -22.07 11.24 3.34
N ASP A 305 -22.86 10.20 3.58
CA ASP A 305 -23.67 10.14 4.80
C ASP A 305 -22.97 9.34 5.91
N LEU A 306 -21.85 8.72 5.58
CA LEU A 306 -21.09 7.93 6.54
C LEU A 306 -20.48 8.82 7.63
N PRO A 307 -20.86 8.62 8.89
CA PRO A 307 -20.27 9.45 9.96
C PRO A 307 -18.76 9.31 10.06
N ILE A 308 -18.06 10.44 10.04
CA ILE A 308 -16.62 10.45 10.24
C ILE A 308 -16.23 11.48 11.30
N LEU A 309 -15.55 11.01 12.33
CA LEU A 309 -15.08 11.87 13.42
C LEU A 309 -13.57 12.07 13.29
N TYR A 310 -13.12 13.29 13.54
CA TYR A 310 -11.76 13.70 13.24
C TYR A 310 -11.07 14.33 14.46
N ASN A 311 -9.75 14.26 14.49
CA ASN A 311 -8.95 14.89 15.54
C ASN A 311 -9.13 14.24 16.92
N LEU A 312 -9.17 12.91 16.96
CA LEU A 312 -9.32 12.19 18.22
C LEU A 312 -7.95 11.97 18.84
N ASN A 313 -7.93 11.84 20.17
CA ASN A 313 -6.66 11.70 20.89
C ASN A 313 -6.19 10.25 20.94
N PHE A 314 -5.85 9.72 19.78
CA PHE A 314 -5.13 8.44 19.70
C PHE A 314 -4.17 8.49 18.52
N GLY A 315 -3.10 7.71 18.60
CA GLY A 315 -2.11 7.70 17.55
C GLY A 315 -0.82 8.37 18.01
N HIS A 316 -0.18 9.10 17.09
CA HIS A 316 1.15 9.63 17.33
C HIS A 316 1.12 11.03 17.93
N THR A 317 0.26 11.23 18.91
CA THR A 317 0.31 12.43 19.73
C THR A 317 0.00 12.01 21.15
N GLU A 318 0.53 12.77 22.11
CA GLU A 318 0.26 12.51 23.52
C GLU A 318 -0.62 13.64 24.07
N PRO A 319 -1.57 13.30 24.96
CA PRO A 319 -1.84 11.96 25.49
C PRO A 319 -2.72 11.14 24.55
N LYS A 320 -3.15 9.96 25.00
CA LYS A 320 -4.02 9.14 24.20
C LYS A 320 -4.96 8.29 25.05
N PHE A 321 -6.09 7.90 24.46
CA PHE A 321 -6.96 6.91 25.07
C PHE A 321 -6.73 5.57 24.37
N ILE A 322 -7.46 4.54 24.80
CA ILE A 322 -7.22 3.19 24.32
C ILE A 322 -8.40 2.65 23.53
N LEU A 323 -8.08 1.95 22.44
CA LEU A 323 -9.10 1.35 21.59
C LEU A 323 -8.99 -0.16 21.66
N PRO A 324 -9.96 -0.83 22.34
CA PRO A 324 -9.99 -2.29 22.31
C PRO A 324 -10.53 -2.82 20.99
N TYR A 325 -9.76 -3.66 20.30
CA TYR A 325 -10.21 -4.24 19.03
C TYR A 325 -11.48 -5.06 19.23
N GLY A 326 -12.46 -4.84 18.36
CA GLY A 326 -13.68 -5.62 18.36
C GLY A 326 -14.75 -5.09 19.30
N SER A 327 -14.40 -4.12 20.13
CA SER A 327 -15.34 -3.58 21.10
C SER A 327 -16.39 -2.71 20.42
N ALA A 329 -18.39 0.40 19.65
CA ALA A 329 -18.15 1.84 19.78
C ALA A 329 -19.31 2.64 19.19
N GLU A 330 -19.40 3.91 19.56
CA GLU A 330 -20.49 4.77 19.12
C GLU A 330 -19.98 6.13 18.65
N ILE A 331 -20.57 6.61 17.54
CA ILE A 331 -20.34 7.98 17.09
C ILE A 331 -21.67 8.71 17.08
N ASP A 332 -21.82 9.66 18.01
CA ASP A 332 -23.02 10.49 18.07
C ASP A 332 -22.78 11.79 17.32
N CYS A 333 -23.34 11.87 16.11
CA CYS A 333 -23.17 13.05 15.26
C CYS A 333 -23.87 14.28 15.85
N GLU A 334 -25.05 14.06 16.44
CA GLU A 334 -25.81 15.15 17.04
C GLU A 334 -24.97 15.87 18.09
N ASN A 335 -24.20 15.11 18.86
CA ASN A 335 -23.37 15.67 19.91
C ASN A 335 -21.89 15.68 19.53
N GLY A 336 -21.57 14.99 18.44
CA GLY A 336 -20.18 14.90 17.98
C GLY A 336 -19.31 14.21 19.01
N SER A 337 -19.89 13.22 19.70
CA SER A 337 -19.18 12.50 20.74
C SER A 337 -18.77 11.11 20.28
N PHE A 338 -17.83 10.51 21.02
CA PHE A 338 -17.38 9.15 20.75
C PHE A 338 -17.36 8.36 22.05
N SER A 339 -17.91 7.15 22.02
CA SER A 339 -17.96 6.31 23.21
C SER A 339 -17.59 4.87 22.90
N ILE A 340 -17.14 4.15 23.91
CA ILE A 340 -16.99 2.70 23.82
C ILE A 340 -18.05 2.07 24.73
N LEU A 341 -18.93 1.28 24.13
CA LEU A 341 -20.14 0.82 24.80
C LEU A 341 -19.98 -0.51 25.53
N GLU A 342 -18.79 -0.77 26.05
CA GLU A 342 -18.55 -1.95 26.88
C GLU A 342 -17.19 -1.86 27.56
N SER A 343 -16.91 -2.82 28.43
CA SER A 343 -15.61 -2.86 29.11
C SER A 343 -14.53 -3.34 28.16
N GLY A 344 -13.29 -2.90 28.39
CA GLY A 344 -12.17 -3.37 27.61
C GLY A 344 -11.69 -4.73 28.10
N VAL A 345 -11.99 -5.04 29.35
CA VAL A 345 -11.56 -6.29 29.98
C VAL A 345 -12.67 -6.91 30.81
N GLU A 346 -12.55 -8.21 31.08
CA GLU A 346 -13.54 -8.94 31.85
C GLU A 346 -13.35 -8.71 33.35
N ALA B 3 0.49 -22.51 -19.24
CA ALA B 3 -0.12 -21.20 -19.63
C ALA B 3 -1.57 -21.13 -19.16
N LEU B 5 -3.27 -17.69 -19.47
CA LEU B 5 -3.82 -16.52 -20.14
C LEU B 5 -3.94 -16.75 -21.63
N ILE B 6 -5.07 -16.32 -22.20
CA ILE B 6 -5.30 -16.43 -23.63
C ILE B 6 -4.44 -15.41 -24.37
N LYS B 7 -3.76 -15.87 -25.43
CA LYS B 7 -2.94 -14.99 -26.24
C LYS B 7 -3.77 -14.42 -27.40
N PRO B 8 -3.78 -13.09 -27.56
CA PRO B 8 -4.61 -12.48 -28.61
C PRO B 8 -4.03 -12.66 -30.01
N LYS B 9 -4.86 -12.39 -31.01
CA LYS B 9 -4.47 -12.55 -32.42
C LYS B 9 -3.61 -11.38 -32.87
N ARG B 10 -2.63 -11.66 -33.72
CA ARG B 10 -1.68 -10.65 -34.16
C ARG B 10 -2.37 -9.52 -34.92
N LEU B 11 -1.76 -8.34 -34.85
CA LEU B 11 -2.29 -7.17 -35.53
C LEU B 11 -1.73 -7.10 -36.96
N GLN B 12 -2.38 -6.34 -37.82
CA GLN B 12 -1.89 -6.11 -39.18
C GLN B 12 -2.56 -4.89 -39.80
N ALA B 13 -1.92 -4.32 -40.81
CA ALA B 13 -2.43 -3.13 -41.48
C ALA B 13 -3.88 -3.32 -41.90
N GLY B 14 -4.72 -2.32 -41.64
CA GLY B 14 -6.12 -2.37 -42.00
C GLY B 14 -7.01 -2.66 -40.81
N ASP B 15 -6.42 -3.19 -39.75
CA ASP B 15 -7.16 -3.54 -38.54
C ASP B 15 -7.61 -2.28 -37.79
N ILE B 16 -8.73 -2.40 -37.08
CA ILE B 16 -9.28 -1.32 -36.29
C ILE B 16 -8.75 -1.36 -34.86
N VAL B 17 -8.29 -0.20 -34.39
CA VAL B 17 -7.81 -0.06 -33.02
C VAL B 17 -8.68 0.92 -32.26
N ALA B 18 -9.04 0.56 -31.04
CA ALA B 18 -9.83 1.44 -30.18
C ALA B 18 -8.94 2.15 -29.17
N THR B 19 -9.16 3.44 -28.99
CA THR B 19 -8.46 4.19 -27.95
C THR B 19 -9.43 4.45 -26.81
N VAL B 20 -8.92 4.35 -25.58
CA VAL B 20 -9.78 4.47 -24.40
C VAL B 20 -9.12 5.30 -23.30
N SER B 21 -9.95 5.91 -22.46
CA SER B 21 -9.49 6.69 -21.31
C SER B 21 -9.96 6.08 -20.01
N PRO B 22 -9.36 4.94 -19.62
CA PRO B 22 -9.80 4.27 -18.39
C PRO B 22 -9.34 4.98 -17.12
N SER B 23 -8.41 5.93 -17.27
CA SER B 23 -7.84 6.63 -16.12
C SER B 23 -8.07 8.13 -16.22
N TRP B 24 -7.02 8.89 -16.51
CA TRP B 24 -7.13 10.34 -16.68
C TRP B 24 -7.70 10.66 -18.06
N GLY B 25 -8.69 11.55 -18.09
CA GLY B 25 -9.39 11.86 -19.32
C GLY B 25 -8.87 13.08 -20.06
N GLY B 26 -7.59 13.40 -19.85
CA GLY B 26 -7.00 14.59 -20.44
C GLY B 26 -6.99 14.60 -21.96
N ALA B 27 -7.01 13.41 -22.56
CA ALA B 27 -6.90 13.30 -24.02
C ALA B 27 -7.96 14.15 -24.73
N GLY B 28 -9.11 14.30 -24.09
CA GLY B 28 -10.21 15.06 -24.67
C GLY B 28 -10.11 16.54 -24.39
N ASP B 29 -9.29 16.92 -23.43
CA ASP B 29 -9.14 18.34 -23.07
C ASP B 29 -8.66 19.16 -24.26
N SER B 30 -9.11 20.40 -24.32
CA SER B 30 -8.88 21.27 -25.47
C SER B 30 -7.39 21.45 -25.77
N GLU B 31 -6.58 21.64 -24.72
CA GLU B 31 -5.16 21.93 -24.91
C GLU B 31 -4.34 20.68 -25.18
N ILE B 32 -4.95 19.51 -25.04
CA ILE B 32 -4.26 18.23 -25.23
C ILE B 32 -4.72 17.49 -26.48
N ARG B 33 -5.92 17.81 -26.96
CA ARG B 33 -6.53 17.09 -28.08
C ARG B 33 -5.54 16.92 -29.24
N TRP B 34 -4.80 17.97 -29.56
CA TRP B 34 -3.82 17.92 -30.64
C TRP B 34 -2.84 16.76 -30.43
N ARG B 35 -2.46 16.54 -29.17
CA ARG B 35 -1.51 15.49 -28.81
C ARG B 35 -2.10 14.12 -29.09
N TYR B 36 -3.39 13.98 -28.79
CA TYR B 36 -4.09 12.75 -29.09
C TYR B 36 -4.08 12.52 -30.60
N GLU B 37 -4.44 13.54 -31.37
CA GLU B 37 -4.51 13.44 -32.82
C GLU B 37 -3.17 13.10 -33.43
N GLN B 38 -2.10 13.63 -32.83
CA GLN B 38 -0.75 13.32 -33.30
C GLN B 38 -0.44 11.84 -33.07
N GLY B 39 -0.88 11.31 -31.93
CA GLY B 39 -0.67 9.90 -31.64
C GLY B 39 -1.41 9.03 -32.63
N VAL B 40 -2.66 9.38 -32.88
CA VAL B 40 -3.50 8.68 -33.85
C VAL B 40 -2.85 8.69 -35.23
N LYS B 41 -2.19 9.80 -35.56
CA LYS B 41 -1.55 9.98 -36.85
C LYS B 41 -0.44 8.94 -37.07
N ARG B 42 0.28 8.61 -36.01
CA ARG B 42 1.35 7.62 -36.09
C ARG B 42 0.79 6.21 -36.23
N LEU B 43 -0.28 5.92 -35.49
CA LEU B 43 -0.95 4.63 -35.60
C LEU B 43 -1.40 4.38 -37.03
N GLU B 44 -1.80 5.44 -37.72
CA GLU B 44 -2.29 5.33 -39.08
C GLU B 44 -1.14 5.21 -40.08
N GLU B 45 -0.15 6.09 -39.95
CA GLU B 45 0.90 6.22 -40.95
C GLU B 45 2.06 5.26 -40.72
N VAL B 46 2.37 4.99 -39.46
CA VAL B 46 3.50 4.13 -39.12
C VAL B 46 3.10 2.66 -39.12
N PHE B 47 1.86 2.36 -38.75
CA PHE B 47 1.43 0.97 -38.61
C PHE B 47 0.26 0.61 -39.52
N GLY B 48 -0.28 1.60 -40.23
CA GLY B 48 -1.35 1.36 -41.18
C GLY B 48 -2.64 0.91 -40.54
N LEU B 49 -2.92 1.41 -39.34
CA LEU B 49 -4.10 1.00 -38.58
C LEU B 49 -5.18 2.07 -38.61
N THR B 50 -6.44 1.64 -38.53
CA THR B 50 -7.56 2.55 -38.40
C THR B 50 -7.90 2.73 -36.92
N VAL B 51 -7.98 3.98 -36.48
CA VAL B 51 -8.18 4.28 -35.06
C VAL B 51 -9.58 4.84 -34.82
N VAL B 52 -10.25 4.31 -33.81
CA VAL B 52 -11.59 4.75 -33.45
C VAL B 52 -11.66 5.00 -31.94
N PRO B 53 -11.97 6.25 -31.54
CA PRO B 53 -12.12 6.51 -30.10
C PRO B 53 -13.46 5.98 -29.58
N PRO B 55 -16.95 6.15 -27.29
CA PRO B 55 -17.88 7.28 -27.18
C PRO B 55 -17.56 8.26 -26.04
N ASN B 56 -17.05 7.77 -24.93
CA ASN B 56 -16.79 8.64 -23.77
C ASN B 56 -15.31 8.96 -23.57
N SER B 57 -14.47 8.47 -24.47
CA SER B 57 -13.02 8.52 -24.26
C SER B 57 -12.41 9.91 -24.43
N LEU B 58 -13.11 10.81 -25.09
CA LEU B 58 -12.58 12.14 -25.38
C LEU B 58 -13.48 13.26 -24.84
N LYS B 59 -14.28 12.95 -23.83
CA LYS B 59 -15.22 13.92 -23.27
C LYS B 59 -14.59 14.83 -22.23
N GLY B 60 -13.28 14.70 -22.03
CA GLY B 60 -12.56 15.59 -21.12
C GLY B 60 -12.28 14.97 -19.77
N SER B 61 -11.37 15.59 -19.02
CA SER B 61 -10.93 15.04 -17.75
C SER B 61 -12.01 15.15 -16.67
N GLU B 62 -12.74 16.26 -16.67
CA GLU B 62 -13.80 16.47 -15.68
C GLU B 62 -14.85 15.38 -15.76
N PHE B 63 -15.44 15.19 -16.94
CA PHE B 63 -16.49 14.18 -17.12
C PHE B 63 -16.00 12.78 -16.79
N ILE B 64 -14.84 12.43 -17.33
CA ILE B 64 -14.29 11.10 -17.16
C ILE B 64 -14.00 10.83 -15.68
N TYR B 65 -13.53 11.83 -14.96
CA TYR B 65 -13.25 11.65 -13.54
C TYR B 65 -14.54 11.35 -12.77
N ASN B 66 -15.62 12.04 -13.13
CA ASN B 66 -16.90 11.89 -12.45
C ASN B 66 -17.72 10.68 -12.90
N ASN B 67 -17.30 10.02 -13.98
CA ASN B 67 -18.08 8.94 -14.57
C ASN B 67 -17.27 7.67 -14.82
N PRO B 68 -16.83 7.00 -13.74
CA PRO B 68 -16.09 5.74 -13.87
C PRO B 68 -16.89 4.68 -14.59
N GLN B 69 -18.21 4.70 -14.43
CA GLN B 69 -19.07 3.75 -15.12
C GLN B 69 -18.98 3.96 -16.62
N ALA B 70 -18.91 5.22 -17.03
CA ALA B 70 -18.78 5.56 -18.44
C ALA B 70 -17.46 5.03 -19.01
N ARG B 71 -16.41 5.06 -18.20
CA ARG B 71 -15.13 4.50 -18.62
C ARG B 71 -15.23 2.99 -18.82
N ALA B 72 -15.88 2.33 -17.86
CA ALA B 72 -16.06 0.88 -17.94
C ALA B 72 -16.81 0.49 -19.20
N GLU B 73 -17.91 1.20 -19.47
CA GLU B 73 -18.73 0.94 -20.66
C GLU B 73 -17.92 1.09 -21.95
N ASP B 74 -17.01 2.05 -21.97
CA ASP B 74 -16.12 2.25 -23.11
C ASP B 74 -15.25 1.02 -23.34
N LEU B 75 -14.73 0.44 -22.26
CA LEU B 75 -13.90 -0.76 -22.36
C LEU B 75 -14.73 -1.95 -22.84
N THR B 77 -17.43 -1.82 -24.60
CA THR B 77 -17.79 -1.58 -25.99
C THR B 77 -16.66 -2.05 -26.92
N ALA B 78 -15.43 -1.66 -26.58
CA ALA B 78 -14.27 -2.00 -27.40
C ALA B 78 -14.08 -3.51 -27.47
N PHE B 79 -14.18 -4.18 -26.33
CA PHE B 79 -14.01 -5.63 -26.30
C PHE B 79 -15.10 -6.35 -27.07
N GLN B 80 -16.34 -5.91 -26.89
CA GLN B 80 -17.48 -6.61 -27.48
C GLN B 80 -17.68 -6.29 -28.97
N ASP B 81 -16.99 -5.28 -29.47
CA ASP B 81 -17.02 -4.98 -30.90
C ASP B 81 -16.03 -5.86 -31.65
N THR B 82 -16.54 -6.81 -32.43
CA THR B 82 -15.69 -7.79 -33.08
C THR B 82 -14.81 -7.19 -34.19
N ARG B 83 -15.11 -5.97 -34.58
CA ARG B 83 -14.29 -5.27 -35.57
C ARG B 83 -13.00 -4.77 -34.91
N VAL B 84 -13.08 -4.40 -33.65
CA VAL B 84 -11.92 -3.89 -32.91
C VAL B 84 -10.96 -5.02 -32.59
N LYS B 85 -9.75 -4.92 -33.12
CA LYS B 85 -8.75 -5.96 -32.96
C LYS B 85 -7.69 -5.61 -31.91
N ALA B 86 -7.69 -4.37 -31.45
CA ALA B 86 -6.75 -3.92 -30.43
C ALA B 86 -7.31 -2.73 -29.66
N ILE B 87 -6.87 -2.58 -28.42
CA ILE B 87 -7.29 -1.48 -27.57
C ILE B 87 -6.06 -0.83 -26.95
N ILE B 88 -5.97 0.49 -27.06
CA ILE B 88 -4.83 1.22 -26.53
C ILE B 88 -5.29 2.35 -25.62
N ALA B 89 -4.76 2.36 -24.41
CA ALA B 89 -5.06 3.43 -23.46
C ALA B 89 -4.41 4.73 -23.92
N ASN B 90 -5.10 5.84 -23.70
CA ASN B 90 -4.56 7.14 -24.06
C ASN B 90 -3.46 7.58 -23.13
N ILE B 91 -3.63 7.28 -21.84
CA ILE B 91 -2.78 7.80 -20.78
C ILE B 91 -3.10 7.06 -19.49
N GLY B 92 -2.23 7.20 -18.49
CA GLY B 92 -2.48 6.66 -17.17
C GLY B 92 -3.31 7.59 -16.32
N GLY B 93 -3.04 7.60 -15.02
CA GLY B 93 -3.81 8.39 -14.07
C GLY B 93 -3.59 7.93 -12.65
N GLN B 94 -4.68 7.61 -11.95
CA GLN B 94 -4.57 7.17 -10.56
C GLN B 94 -5.83 6.53 -9.98
N ASP B 95 -6.94 6.56 -10.70
CA ASP B 95 -8.22 6.15 -10.11
C ASP B 95 -9.03 5.15 -10.95
N SER B 96 -8.36 4.38 -11.81
CA SER B 96 -9.04 3.40 -12.63
C SER B 96 -9.55 2.23 -11.79
N ILE B 97 -9.11 2.17 -10.54
CA ILE B 97 -9.61 1.18 -9.61
C ILE B 97 -11.12 1.36 -9.40
N ARG B 98 -11.61 2.58 -9.64
CA ARG B 98 -13.02 2.90 -9.45
C ARG B 98 -13.93 2.23 -10.48
N LEU B 99 -13.33 1.68 -11.54
CA LEU B 99 -14.07 0.97 -12.59
C LEU B 99 -14.45 -0.45 -12.17
N LEU B 100 -13.82 -0.94 -11.10
CA LEU B 100 -13.96 -2.34 -10.72
C LEU B 100 -15.40 -2.83 -10.62
N PRO B 101 -16.27 -2.08 -9.92
CA PRO B 101 -17.64 -2.57 -9.77
C PRO B 101 -18.46 -2.59 -11.07
N TYR B 102 -17.89 -2.08 -12.16
CA TYR B 102 -18.63 -1.96 -13.41
C TYR B 102 -18.08 -2.85 -14.53
N ILE B 103 -17.09 -3.68 -14.21
CA ILE B 103 -16.46 -4.52 -15.23
C ILE B 103 -17.19 -5.86 -15.39
N ASP B 104 -17.55 -6.18 -16.63
CA ASP B 104 -18.06 -7.50 -16.96
C ASP B 104 -16.92 -8.37 -17.50
N PHE B 105 -16.28 -9.11 -16.60
CA PHE B 105 -15.12 -9.92 -16.97
C PHE B 105 -15.46 -10.96 -18.05
N ASN B 106 -16.70 -11.41 -18.06
CA ASN B 106 -17.16 -12.39 -19.04
C ASN B 106 -17.04 -11.83 -20.46
N ALA B 107 -17.36 -10.56 -20.62
CA ALA B 107 -17.25 -9.89 -21.92
C ALA B 107 -15.81 -9.89 -22.40
N ILE B 108 -14.87 -9.68 -21.48
CA ILE B 108 -13.45 -9.73 -21.83
C ILE B 108 -13.07 -11.15 -22.22
N ARG B 109 -13.51 -12.12 -21.43
CA ARG B 109 -13.22 -13.53 -21.69
C ARG B 109 -13.65 -13.97 -23.08
N GLU B 110 -14.88 -13.61 -23.45
CA GLU B 110 -15.44 -14.06 -24.72
C GLU B 110 -14.89 -13.28 -25.91
N ASN B 111 -14.13 -12.22 -25.63
CA ASN B 111 -13.58 -11.39 -26.69
C ASN B 111 -12.08 -11.12 -26.52
N PRO B 112 -11.25 -12.17 -26.70
CA PRO B 112 -9.80 -12.00 -26.60
C PRO B 112 -9.26 -11.06 -27.67
N LYS B 113 -8.43 -10.09 -27.26
CA LYS B 113 -7.83 -9.15 -28.19
C LYS B 113 -6.74 -8.35 -27.50
N ILE B 114 -5.94 -7.64 -28.28
CA ILE B 114 -4.82 -6.87 -27.75
C ILE B 114 -5.31 -5.69 -26.91
N PHE B 115 -4.79 -5.60 -25.69
CA PHE B 115 -5.01 -4.45 -24.82
C PHE B 115 -3.65 -4.00 -24.28
N GLY B 117 -1.10 -0.66 -22.48
CA GLY B 117 -0.97 0.56 -21.71
C GLY B 117 -0.07 0.31 -20.51
N TYR B 118 0.24 1.35 -19.75
CA TYR B 118 1.07 1.19 -18.56
C TYR B 118 0.65 2.12 -17.44
N ALA B 119 1.43 2.15 -16.36
CA ALA B 119 1.16 3.02 -15.22
C ALA B 119 -0.17 2.65 -14.56
N ASP B 120 -1.10 3.60 -14.44
CA ASP B 120 -2.38 3.33 -13.80
C ASP B 120 -3.19 2.31 -14.60
N VAL B 121 -2.80 2.13 -15.86
CA VAL B 121 -3.46 1.16 -16.72
C VAL B 121 -3.19 -0.25 -16.21
N THR B 122 -2.24 -0.39 -15.28
CA THR B 122 -1.99 -1.68 -14.65
C THR B 122 -3.30 -2.29 -14.14
N ILE B 123 -4.17 -1.45 -13.58
CA ILE B 123 -5.47 -1.91 -13.09
C ILE B 123 -6.27 -2.54 -14.23
N SER B 124 -6.27 -1.88 -15.38
CA SER B 124 -7.00 -2.40 -16.53
C SER B 124 -6.39 -3.70 -17.03
N HIS B 125 -5.08 -3.83 -16.85
CA HIS B 125 -4.39 -5.07 -17.17
C HIS B 125 -4.88 -6.16 -16.24
N LEU B 126 -5.17 -5.80 -14.99
CA LEU B 126 -5.65 -6.78 -14.03
C LEU B 126 -7.09 -7.19 -14.34
N PHE B 127 -7.85 -6.31 -15.01
CA PHE B 127 -9.18 -6.69 -15.52
C PHE B 127 -9.03 -7.83 -16.53
N CYS B 128 -8.15 -7.62 -17.51
CA CYS B 128 -7.87 -8.64 -18.52
C CYS B 128 -7.30 -9.90 -17.89
N HIS B 129 -6.39 -9.71 -16.94
CA HIS B 129 -5.71 -10.82 -16.30
C HIS B 129 -6.71 -11.74 -15.59
N LYS B 130 -7.61 -11.13 -14.83
CA LYS B 130 -8.62 -11.90 -14.09
C LYS B 130 -9.57 -12.61 -15.06
N ALA B 131 -9.67 -12.07 -16.27
CA ALA B 131 -10.49 -12.67 -17.32
C ALA B 131 -9.71 -13.75 -18.08
N GLY B 132 -8.45 -13.93 -17.75
CA GLY B 132 -7.64 -14.97 -18.38
C GLY B 132 -7.12 -14.55 -19.73
N LEU B 133 -7.03 -13.24 -19.95
CA LEU B 133 -6.51 -12.70 -21.20
C LEU B 133 -5.13 -12.11 -20.96
N SER B 134 -4.19 -12.45 -21.82
CA SER B 134 -2.85 -11.86 -21.78
C SER B 134 -2.86 -10.46 -22.39
N SER B 135 -2.54 -9.47 -21.58
CA SER B 135 -2.46 -8.08 -22.03
C SER B 135 -1.00 -7.62 -22.12
N PHE B 136 -0.80 -6.37 -22.52
CA PHE B 136 0.53 -5.89 -22.86
C PHE B 136 0.90 -4.62 -22.11
N TYR B 137 1.85 -4.74 -21.19
CA TYR B 137 2.41 -3.58 -20.51
C TYR B 137 3.33 -2.88 -21.48
N GLY B 138 2.86 -1.76 -22.04
CA GLY B 138 3.59 -1.10 -23.10
C GLY B 138 3.12 0.32 -23.35
N PRO B 139 3.55 0.91 -24.49
CA PRO B 139 3.33 2.34 -24.75
C PRO B 139 1.86 2.74 -24.86
N ALA B 140 1.58 4.02 -24.59
CA ALA B 140 0.25 4.59 -24.70
C ALA B 140 0.23 5.71 -25.73
N ILE B 141 -0.97 6.21 -26.05
CA ILE B 141 -1.12 7.19 -27.12
C ILE B 141 -0.38 8.48 -26.84
N LEU B 142 -0.71 9.14 -25.75
CA LEU B 142 -0.20 10.48 -25.48
C LEU B 142 1.29 10.49 -25.10
N THR B 143 1.76 9.41 -24.49
CA THR B 143 3.13 9.39 -23.98
C THR B 143 4.15 8.84 -24.99
N ASP B 144 3.70 7.97 -25.90
CA ASP B 144 4.63 7.27 -26.79
C ASP B 144 4.34 7.46 -28.29
N PHE B 145 3.13 7.13 -28.71
CA PHE B 145 2.75 7.23 -30.12
C PHE B 145 2.70 8.67 -30.59
N ALA B 146 2.64 9.61 -29.65
CA ALA B 146 2.50 11.02 -29.99
C ALA B 146 3.80 11.80 -29.72
N GLU B 147 4.90 11.08 -29.58
CA GLU B 147 6.20 11.72 -29.41
C GLU B 147 6.42 12.78 -30.48
N ASN B 148 6.82 13.97 -30.08
CA ASN B 148 7.01 15.08 -31.03
C ASN B 148 8.02 14.75 -32.12
N VAL B 149 7.75 15.25 -33.32
CA VAL B 149 8.64 15.12 -34.47
C VAL B 149 8.67 13.71 -35.04
N GLU B 150 8.94 12.72 -34.19
CA GLU B 150 8.89 11.33 -34.61
C GLU B 150 8.94 10.37 -33.42
N ASP B 152 10.24 7.08 -31.36
CA ASP B 152 11.54 6.46 -31.19
C ASP B 152 11.58 5.13 -31.94
N PRO B 153 12.57 4.94 -32.84
CA PRO B 153 12.61 3.70 -33.61
C PRO B 153 12.57 2.45 -32.72
N TYR B 154 13.17 2.56 -31.55
CA TYR B 154 13.17 1.48 -30.57
C TYR B 154 11.75 1.05 -30.21
N THR B 155 10.91 2.03 -29.90
CA THR B 155 9.53 1.73 -29.54
C THR B 155 8.78 1.14 -30.72
N VAL B 156 9.00 1.70 -31.91
CA VAL B 156 8.36 1.18 -33.13
C VAL B 156 8.75 -0.29 -33.34
N GLU B 157 10.04 -0.57 -33.21
CA GLU B 157 10.55 -1.92 -33.37
C GLU B 157 9.84 -2.91 -32.45
N VAL B 159 6.91 -2.60 -30.93
CA VAL B 159 5.51 -2.75 -31.29
C VAL B 159 5.39 -3.81 -32.39
N ASN B 160 6.25 -3.71 -33.39
CA ASN B 160 6.21 -4.63 -34.51
C ASN B 160 6.58 -6.06 -34.09
N ARG B 161 7.63 -6.19 -33.28
CA ARG B 161 8.11 -7.51 -32.88
C ARG B 161 7.13 -8.23 -31.96
N THR B 162 6.29 -7.45 -31.27
CA THR B 162 5.40 -8.00 -30.25
C THR B 162 3.96 -8.16 -30.75
N LEU B 163 3.48 -7.22 -31.55
CA LEU B 163 2.06 -7.20 -31.92
C LEU B 163 1.79 -7.52 -33.39
N PHE B 164 2.83 -7.47 -34.22
CA PHE B 164 2.64 -7.70 -35.64
C PHE B 164 3.31 -8.99 -36.10
N SER B 165 4.08 -9.61 -35.21
CA SER B 165 4.71 -10.88 -35.53
C SER B 165 4.28 -11.95 -34.53
N ASN B 166 3.90 -13.12 -35.03
CA ASN B 166 3.56 -14.23 -34.15
C ASN B 166 4.75 -15.14 -33.91
N GLU B 167 5.95 -14.62 -34.17
CA GLU B 167 7.17 -15.36 -33.90
C GLU B 167 7.77 -14.95 -32.56
N ILE B 169 9.67 -13.35 -29.67
CA ILE B 169 10.22 -12.03 -29.49
C ILE B 169 11.74 -12.12 -29.33
N GLY B 170 12.18 -12.93 -28.38
CA GLY B 170 13.60 -13.16 -28.18
C GLY B 170 14.24 -12.12 -27.27
N GLU B 171 15.55 -11.97 -27.38
CA GLU B 171 16.30 -11.05 -26.53
C GLU B 171 15.87 -9.60 -26.73
N ILE B 172 15.75 -8.89 -25.63
CA ILE B 172 15.42 -7.47 -25.66
C ILE B 172 16.70 -6.70 -25.36
N GLN B 173 17.28 -6.11 -26.40
CA GLN B 173 18.47 -5.28 -26.23
C GLN B 173 18.09 -3.96 -25.57
N PRO B 174 19.02 -3.34 -24.84
CA PRO B 174 18.68 -2.05 -24.24
C PRO B 174 18.68 -0.94 -25.28
N ALA B 175 17.89 0.10 -25.05
CA ALA B 175 17.84 1.23 -25.96
C ALA B 175 19.15 2.02 -25.88
N PRO B 176 19.58 2.59 -27.02
CA PRO B 176 20.83 3.37 -27.01
C PRO B 176 20.71 4.66 -26.21
N GLU B 177 19.52 5.25 -26.19
CA GLU B 177 19.27 6.49 -25.47
C GLU B 177 17.92 6.45 -24.76
N TRP B 178 17.71 7.36 -23.82
CA TRP B 178 16.44 7.43 -23.09
C TRP B 178 16.11 8.88 -22.73
N THR B 179 14.86 9.11 -22.34
CA THR B 179 14.46 10.44 -21.87
C THR B 179 13.22 10.36 -21.01
N SER B 180 13.07 11.37 -20.15
CA SER B 180 11.84 11.57 -19.40
C SER B 180 11.64 13.07 -19.19
N GLU B 181 12.19 13.84 -20.12
CA GLU B 181 12.13 15.30 -20.04
C GLU B 181 10.69 15.78 -20.14
N ARG B 182 10.32 16.70 -19.27
CA ARG B 182 8.97 17.27 -19.29
C ARG B 182 8.89 18.38 -20.34
N LEU B 183 8.28 18.05 -21.46
CA LEU B 183 7.98 19.04 -22.50
C LEU B 183 6.47 19.17 -22.56
N GLU B 184 5.96 20.34 -22.16
CA GLU B 184 4.52 20.54 -22.03
C GLU B 184 3.78 20.10 -23.29
N TRP B 185 2.67 19.40 -23.08
CA TRP B 185 1.83 18.90 -24.17
C TRP B 185 0.93 19.99 -24.74
N ILE B 186 1.52 21.13 -25.10
CA ILE B 186 0.78 22.18 -25.78
C ILE B 186 1.31 22.31 -27.20
N GLU B 187 0.41 22.59 -28.14
CA GLU B 187 0.70 22.48 -29.56
C GLU B 187 1.91 23.32 -29.99
N ILE B 188 2.21 24.37 -29.24
CA ILE B 188 3.33 25.24 -29.58
C ILE B 188 4.68 24.49 -29.54
N ASN B 189 4.69 23.32 -28.89
CA ASN B 189 5.92 22.55 -28.73
C ASN B 189 6.05 21.36 -29.69
N LYS B 190 5.07 21.18 -30.57
CA LYS B 190 5.01 19.98 -31.40
C LYS B 190 6.25 19.80 -32.28
N ASP B 191 6.91 20.90 -32.61
CA ASP B 191 8.08 20.85 -33.49
C ASP B 191 9.39 20.74 -32.71
N THR B 192 9.29 20.65 -31.39
CA THR B 192 10.48 20.53 -30.54
C THR B 192 10.73 19.09 -30.13
N ARG B 193 11.96 18.62 -30.34
CA ARG B 193 12.38 17.30 -29.89
C ARG B 193 12.71 17.34 -28.40
N ARG B 194 12.46 16.24 -27.72
CA ARG B 194 12.92 16.08 -26.36
C ARG B 194 14.39 15.67 -26.36
N THR B 195 15.15 16.20 -25.43
CA THR B 195 16.57 15.88 -25.32
C THR B 195 16.77 14.47 -24.78
N GLN B 197 19.21 11.14 -23.39
CA GLN B 197 20.35 10.85 -22.54
C GLN B 197 20.91 9.49 -22.88
N GLN B 198 22.23 9.34 -22.85
CA GLN B 198 22.83 8.04 -23.13
C GLN B 198 22.40 7.00 -22.09
N ASN B 199 22.04 5.82 -22.58
CA ASN B 199 21.67 4.70 -21.73
C ASN B 199 22.85 3.74 -21.58
N ASN B 200 23.08 3.26 -20.36
CA ASN B 200 24.26 2.44 -20.06
C ASN B 200 23.96 0.95 -20.01
N GLY B 201 22.70 0.57 -20.21
CA GLY B 201 22.34 -0.84 -20.26
C GLY B 201 21.87 -1.39 -18.93
N TYR B 202 21.66 -2.70 -18.88
CA TYR B 202 21.08 -3.34 -17.71
C TYR B 202 22.10 -3.55 -16.60
N GLU B 203 21.62 -3.63 -15.37
CA GLU B 203 22.47 -3.92 -14.23
C GLU B 203 21.95 -5.12 -13.46
N LEU B 204 22.82 -6.10 -13.25
CA LEU B 204 22.47 -7.26 -12.45
C LEU B 204 22.78 -6.96 -10.98
N LEU B 205 21.73 -6.77 -10.18
CA LEU B 205 21.91 -6.47 -8.76
C LEU B 205 22.32 -7.70 -7.97
N GLN B 206 21.80 -8.85 -8.37
CA GLN B 206 22.15 -10.12 -7.74
C GLN B 206 21.67 -11.28 -8.62
N GLY B 207 22.11 -12.48 -8.27
CA GLY B 207 21.77 -13.67 -9.06
C GLY B 207 22.99 -14.23 -9.77
N SER B 208 23.02 -15.55 -9.95
CA SER B 208 24.15 -16.20 -10.59
C SER B 208 23.75 -17.36 -11.48
N THR B 209 22.44 -17.51 -11.70
CA THR B 209 21.93 -18.60 -12.52
C THR B 209 20.88 -18.10 -13.51
N THR B 210 20.88 -18.67 -14.71
CA THR B 210 19.86 -18.35 -15.71
C THR B 210 18.53 -18.93 -15.26
N VAL B 211 17.49 -18.11 -15.29
CA VAL B 211 16.16 -18.54 -14.86
C VAL B 211 15.10 -18.18 -15.88
N GLN B 212 14.00 -18.92 -15.86
CA GLN B 212 12.88 -18.66 -16.75
C GLN B 212 11.57 -18.73 -15.97
N GLY B 213 10.68 -17.78 -16.25
CA GLY B 213 9.36 -17.75 -15.63
C GLY B 213 8.42 -16.85 -16.40
N ARG B 214 7.13 -16.89 -16.03
CA ARG B 214 6.11 -16.12 -16.73
C ARG B 214 5.91 -14.74 -16.09
N LEU B 215 5.69 -13.74 -16.94
CA LEU B 215 5.69 -12.34 -16.50
C LEU B 215 4.41 -11.93 -15.81
N ILE B 216 4.56 -11.20 -14.71
CA ILE B 216 3.44 -10.63 -13.97
C ILE B 216 3.93 -9.44 -13.17
N GLY B 217 3.12 -8.40 -13.11
CA GLY B 217 3.48 -7.20 -12.38
C GLY B 217 2.90 -5.94 -13.00
N GLY B 218 3.68 -4.87 -12.97
CA GLY B 218 3.25 -3.59 -13.51
C GLY B 218 3.87 -2.44 -12.74
N CYS B 219 3.12 -1.34 -12.62
CA CYS B 219 3.55 -0.21 -11.80
C CYS B 219 3.39 -0.54 -10.32
N ILE B 220 4.50 -0.48 -9.58
CA ILE B 220 4.53 -0.99 -8.22
C ILE B 220 3.59 -0.20 -7.31
N GLU B 221 3.44 1.09 -7.58
CA GLU B 221 2.52 1.92 -6.80
C GLU B 221 1.08 1.56 -7.07
N VAL B 222 0.78 1.29 -8.34
CA VAL B 222 -0.59 1.03 -8.76
C VAL B 222 -1.02 -0.35 -8.28
N LEU B 223 -0.10 -1.29 -8.26
CA LEU B 223 -0.38 -2.65 -7.79
C LEU B 223 -0.92 -2.63 -6.36
N GLU B 224 -0.42 -1.69 -5.56
CA GLU B 224 -0.87 -1.56 -4.18
C GLU B 224 -2.36 -1.25 -4.11
N PHE B 225 -2.87 -0.57 -5.14
CA PHE B 225 -4.28 -0.23 -5.20
C PHE B 225 -5.15 -1.50 -5.25
N ALA B 226 -4.60 -2.58 -5.79
CA ALA B 226 -5.38 -3.79 -6.02
C ALA B 226 -5.18 -4.84 -4.92
N LYS B 227 -4.16 -4.65 -4.09
CA LYS B 227 -3.89 -5.59 -3.02
C LYS B 227 -5.08 -5.71 -2.07
N GLY B 228 -5.48 -6.94 -1.79
CA GLY B 228 -6.59 -7.20 -0.88
C GLY B 228 -7.93 -7.24 -1.59
N THR B 229 -7.94 -6.89 -2.87
CA THR B 229 -9.18 -6.85 -3.64
C THR B 229 -9.33 -8.13 -4.44
N GLU B 230 -10.52 -8.34 -4.99
CA GLU B 230 -10.78 -9.52 -5.79
C GLU B 230 -10.15 -9.38 -7.18
N LEU B 231 -9.46 -8.27 -7.40
CA LEU B 231 -8.72 -8.07 -8.64
C LEU B 231 -7.32 -8.68 -8.59
N TRP B 232 -6.81 -8.87 -7.38
CA TRP B 232 -5.49 -9.42 -7.19
C TRP B 232 -5.40 -10.82 -7.81
N PRO B 233 -4.42 -11.06 -8.69
CA PRO B 233 -4.30 -12.38 -9.35
C PRO B 233 -4.26 -13.54 -8.35
N GLU B 234 -4.85 -14.67 -8.72
CA GLU B 234 -4.83 -15.87 -7.88
C GLU B 234 -3.41 -16.37 -7.65
N LYS B 235 -3.25 -17.17 -6.59
CA LYS B 235 -1.93 -17.61 -6.15
C LYS B 235 -1.17 -18.33 -7.24
N LYS B 236 -1.87 -19.08 -8.07
CA LYS B 236 -1.24 -19.88 -9.14
C LYS B 236 -0.41 -19.03 -10.09
N HIS B 237 -0.85 -17.79 -10.33
CA HIS B 237 -0.17 -16.90 -11.27
C HIS B 237 1.20 -16.46 -10.79
N TRP B 238 1.43 -16.59 -9.49
CA TRP B 238 2.67 -16.11 -8.89
C TRP B 238 3.75 -17.18 -8.81
N GLU B 239 3.38 -18.42 -9.07
CA GLU B 239 4.33 -19.54 -9.02
C GLU B 239 5.31 -19.50 -10.20
N ASP B 240 6.59 -19.62 -9.89
CA ASP B 240 7.64 -19.65 -10.92
C ASP B 240 7.51 -18.50 -11.89
N SER B 241 7.31 -17.30 -11.37
CA SER B 241 7.07 -16.14 -12.21
C SER B 241 8.30 -15.27 -12.32
N ILE B 242 8.28 -14.37 -13.30
CA ILE B 242 9.25 -13.29 -13.39
C ILE B 242 8.51 -12.01 -13.09
N LEU B 243 8.72 -11.46 -11.90
CA LEU B 243 8.09 -10.21 -11.49
C LEU B 243 8.73 -9.03 -12.22
N PHE B 244 7.89 -8.08 -12.62
CA PHE B 244 8.42 -6.84 -13.20
C PHE B 244 7.72 -5.65 -12.56
N PHE B 245 8.54 -4.68 -12.14
CA PHE B 245 8.07 -3.48 -11.47
C PHE B 245 8.68 -2.25 -12.08
N GLU B 246 7.96 -1.14 -12.00
CA GLU B 246 8.46 0.15 -12.45
C GLU B 246 7.80 1.24 -11.64
N THR B 247 8.56 2.31 -11.37
CA THR B 247 8.10 3.41 -10.53
C THR B 247 7.52 4.54 -11.36
N SER B 248 6.54 5.25 -10.80
CA SER B 248 5.79 6.25 -11.53
C SER B 248 6.47 7.62 -11.50
N GLU B 249 5.78 8.61 -12.07
CA GLU B 249 6.34 9.95 -12.20
C GLU B 249 6.41 10.66 -10.86
N ASP B 250 5.66 10.17 -9.88
CA ASP B 250 5.62 10.81 -8.57
C ASP B 250 6.89 10.52 -7.76
N HIS B 251 7.79 9.71 -8.32
CA HIS B 251 9.07 9.42 -7.67
C HIS B 251 8.85 8.92 -6.25
N PRO B 252 8.28 7.72 -6.10
CA PRO B 252 8.02 7.18 -4.76
C PRO B 252 9.30 7.06 -3.93
N GLU B 253 9.25 7.52 -2.69
CA GLU B 253 10.40 7.50 -1.81
C GLU B 253 10.93 6.07 -1.63
N PRO B 254 12.26 5.90 -1.59
CA PRO B 254 12.85 4.57 -1.47
C PRO B 254 12.24 3.73 -0.36
N SER B 255 11.91 4.37 0.77
CA SER B 255 11.34 3.67 1.91
C SER B 255 10.07 2.90 1.52
N TYR B 256 9.27 3.48 0.63
CA TYR B 256 8.03 2.83 0.20
C TYR B 256 8.31 1.62 -0.68
N ILE B 257 9.39 1.66 -1.46
CA ILE B 257 9.79 0.51 -2.26
C ILE B 257 10.11 -0.65 -1.33
N LYS B 258 10.76 -0.34 -0.21
CA LYS B 258 11.08 -1.34 0.79
C LYS B 258 9.79 -1.90 1.41
N TYR B 259 8.89 -1.02 1.82
CA TYR B 259 7.63 -1.45 2.43
C TYR B 259 6.84 -2.33 1.50
N TRP B 260 6.68 -1.87 0.26
CA TRP B 260 5.92 -2.61 -0.73
C TRP B 260 6.54 -3.98 -1.00
N LEU B 261 7.86 -4.03 -1.10
CA LEU B 261 8.56 -5.29 -1.35
C LEU B 261 8.49 -6.23 -0.14
N ARG B 262 8.50 -5.64 1.05
CA ARG B 262 8.27 -6.43 2.27
C ARG B 262 6.88 -7.09 2.25
N ASN B 263 5.90 -6.39 1.68
CA ASN B 263 4.55 -6.94 1.59
C ASN B 263 4.48 -8.13 0.64
N TYR B 264 5.22 -8.05 -0.47
CA TYR B 264 5.30 -9.14 -1.41
C TYR B 264 5.90 -10.38 -0.76
N ALA B 265 6.87 -10.18 0.13
CA ALA B 265 7.44 -11.27 0.89
C ALA B 265 6.41 -11.79 1.90
N ALA B 266 5.65 -10.89 2.50
CA ALA B 266 4.63 -11.28 3.47
C ALA B 266 3.50 -12.06 2.78
N GLN B 267 3.33 -11.85 1.48
CA GLN B 267 2.36 -12.59 0.70
C GLN B 267 2.91 -13.94 0.23
N GLY B 268 4.23 -14.09 0.30
CA GLY B 268 4.88 -15.30 -0.16
C GLY B 268 5.21 -15.24 -1.64
N ILE B 269 5.06 -14.07 -2.24
CA ILE B 269 5.26 -13.91 -3.68
C ILE B 269 6.75 -13.94 -4.04
N LEU B 270 7.57 -13.21 -3.29
CA LEU B 270 8.99 -13.15 -3.60
C LEU B 270 9.63 -14.53 -3.48
N GLN B 271 9.11 -15.32 -2.55
CA GLN B 271 9.64 -16.67 -2.33
C GLN B 271 9.29 -17.62 -3.48
N LYS B 272 8.34 -17.20 -4.32
CA LYS B 272 7.88 -18.01 -5.44
C LYS B 272 8.49 -17.57 -6.76
N ALA B 273 9.03 -16.37 -6.80
CA ALA B 273 9.55 -15.81 -8.05
C ALA B 273 10.80 -16.54 -8.51
N LYS B 274 10.97 -16.63 -9.83
CA LYS B 274 12.22 -17.10 -10.42
C LYS B 274 13.20 -15.95 -10.55
N GLY B 275 12.67 -14.74 -10.73
CA GLY B 275 13.48 -13.55 -10.89
C GLY B 275 12.66 -12.27 -10.88
N ILE B 276 13.34 -11.15 -10.89
CA ILE B 276 12.67 -9.84 -10.88
C ILE B 276 13.38 -8.89 -11.83
N ILE B 277 12.61 -8.03 -12.49
CA ILE B 277 13.17 -6.98 -13.33
C ILE B 277 12.58 -5.63 -12.94
N PHE B 278 13.40 -4.59 -12.98
CA PHE B 278 12.98 -3.24 -12.65
C PHE B 278 13.18 -2.31 -13.84
N GLY B 279 12.21 -1.43 -14.06
CA GLY B 279 12.32 -0.44 -15.11
C GLY B 279 13.13 0.75 -14.64
N LYS B 280 13.76 1.45 -15.57
CA LYS B 280 14.45 2.69 -15.26
C LYS B 280 13.49 3.66 -14.57
N PRO B 281 13.86 4.17 -13.38
CA PRO B 281 12.97 5.16 -12.75
C PRO B 281 12.91 6.44 -13.58
N LYS B 282 11.81 7.19 -13.48
CA LYS B 282 11.68 8.43 -14.21
C LYS B 282 12.79 9.39 -13.77
N ASP B 283 13.48 9.96 -14.75
CA ASP B 283 14.57 10.90 -14.49
C ASP B 283 15.73 10.22 -13.74
N GLU B 284 15.69 8.90 -13.66
CA GLU B 284 16.65 8.13 -12.88
C GLU B 284 16.74 8.64 -11.44
N TYR B 286 16.38 8.52 -7.55
CA TYR B 286 16.52 7.46 -6.57
C TYR B 286 17.07 6.18 -7.22
N TYR B 287 17.83 6.35 -8.30
CA TYR B 287 18.39 5.22 -9.02
C TYR B 287 19.18 4.31 -8.09
N GLU B 288 20.14 4.89 -7.37
CA GLU B 288 20.97 4.14 -6.45
C GLU B 288 20.21 3.77 -5.18
N GLU B 289 19.42 4.72 -4.68
CA GLU B 289 18.67 4.49 -3.44
C GLU B 289 17.78 3.27 -3.56
N TYR B 290 17.10 3.12 -4.69
CA TYR B 290 16.19 2.00 -4.90
C TYR B 290 16.95 0.68 -4.80
N LYS B 291 18.12 0.62 -5.42
CA LYS B 291 18.91 -0.60 -5.40
C LYS B 291 19.21 -1.03 -3.96
N HIS B 292 19.53 -0.06 -3.12
CA HIS B 292 19.79 -0.33 -1.71
C HIS B 292 18.58 -0.96 -1.04
N GLU B 293 17.40 -0.40 -1.28
CA GLU B 293 16.18 -0.87 -0.65
C GLU B 293 15.84 -2.28 -1.12
N ILE B 294 15.99 -2.52 -2.42
CA ILE B 294 15.71 -3.83 -3.00
C ILE B 294 16.62 -4.89 -2.38
N LEU B 295 17.91 -4.61 -2.31
CA LEU B 295 18.88 -5.58 -1.82
C LEU B 295 18.74 -5.79 -0.31
N GLN B 296 18.22 -4.78 0.39
CA GLN B 296 18.00 -4.91 1.82
C GLN B 296 16.89 -5.92 2.09
N VAL B 297 15.83 -5.83 1.30
CA VAL B 297 14.68 -6.71 1.47
C VAL B 297 15.03 -8.16 1.13
N LYS B 299 17.92 -9.40 1.45
CA LYS B 299 18.78 -9.83 2.54
C LYS B 299 17.96 -10.17 3.78
N GLU B 300 16.88 -9.43 4.01
CA GLU B 300 16.03 -9.66 5.18
C GLU B 300 15.32 -11.01 5.09
N HIS B 301 14.99 -11.42 3.87
CA HIS B 301 14.22 -12.64 3.66
C HIS B 301 15.05 -13.77 3.04
N ASN B 302 16.37 -13.64 3.10
CA ASN B 302 17.27 -14.67 2.64
C ASN B 302 17.00 -15.05 1.18
N LEU B 303 17.05 -14.07 0.30
CA LEU B 303 16.81 -14.29 -1.12
C LEU B 303 17.88 -13.61 -1.96
N GLU B 304 19.13 -13.72 -1.51
CA GLU B 304 20.23 -13.01 -2.15
C GLU B 304 20.68 -13.69 -3.44
N ASP B 305 20.13 -14.87 -3.73
CA ASP B 305 20.43 -15.58 -4.97
C ASP B 305 19.39 -15.33 -6.06
N LEU B 306 18.26 -14.75 -5.67
CA LEU B 306 17.18 -14.46 -6.61
C LEU B 306 17.67 -13.47 -7.69
N PRO B 307 17.67 -13.88 -8.97
CA PRO B 307 18.12 -12.96 -10.01
C PRO B 307 17.29 -11.68 -10.09
N ILE B 308 17.97 -10.53 -10.02
CA ILE B 308 17.30 -9.24 -10.16
C ILE B 308 18.02 -8.41 -11.22
N LEU B 309 17.30 -8.06 -12.28
CA LEU B 309 17.84 -7.22 -13.33
C LEU B 309 17.30 -5.80 -13.18
N TYR B 310 18.16 -4.82 -13.42
CA TYR B 310 17.85 -3.43 -13.10
C TYR B 310 18.10 -2.51 -14.29
N ASN B 311 17.32 -1.44 -14.36
CA ASN B 311 17.48 -0.40 -15.38
C ASN B 311 17.04 -0.83 -16.78
N LEU B 312 15.93 -1.57 -16.87
CA LEU B 312 15.38 -1.93 -18.17
C LEU B 312 14.53 -0.81 -18.76
N ASN B 313 14.34 -0.86 -20.08
CA ASN B 313 13.62 0.18 -20.79
C ASN B 313 12.11 -0.05 -20.84
N PHE B 314 11.48 -0.05 -19.67
CA PHE B 314 10.03 -0.04 -19.57
C PHE B 314 9.63 0.75 -18.33
N GLY B 315 8.48 1.41 -18.38
CA GLY B 315 8.04 2.23 -17.27
C GLY B 315 7.83 3.67 -17.69
N HIS B 316 8.19 4.61 -16.82
CA HIS B 316 7.91 6.01 -17.07
C HIS B 316 9.10 6.73 -17.71
N THR B 317 9.78 6.04 -18.61
CA THR B 317 10.78 6.65 -19.46
C THR B 317 10.52 6.21 -20.91
N GLU B 318 11.06 6.97 -21.86
CA GLU B 318 11.03 6.58 -23.26
C GLU B 318 12.45 6.38 -23.78
N PRO B 319 12.66 5.42 -24.72
CA PRO B 319 11.66 4.55 -25.35
C PRO B 319 11.28 3.35 -24.49
N LYS B 320 10.44 2.47 -25.03
CA LYS B 320 9.93 1.33 -24.29
C LYS B 320 9.93 0.05 -25.13
N PHE B 321 10.03 -1.09 -24.45
CA PHE B 321 9.65 -2.35 -25.06
C PHE B 321 8.37 -2.81 -24.37
N ILE B 322 7.80 -3.94 -24.82
CA ILE B 322 6.50 -4.38 -24.35
C ILE B 322 6.57 -5.69 -23.57
N LEU B 323 5.84 -5.75 -22.47
CA LEU B 323 5.79 -6.95 -21.63
C LEU B 323 4.41 -7.60 -21.70
N PRO B 324 4.30 -8.72 -22.43
CA PRO B 324 3.03 -9.44 -22.43
C PRO B 324 2.85 -10.24 -21.14
N TYR B 325 1.76 -9.99 -20.42
CA TYR B 325 1.50 -10.73 -19.19
C TYR B 325 1.41 -12.22 -19.45
N GLY B 326 2.09 -13.00 -18.61
CA GLY B 326 1.99 -14.44 -18.66
C GLY B 326 2.90 -15.11 -19.68
N SER B 327 3.64 -14.32 -20.44
CA SER B 327 4.56 -14.90 -21.43
C SER B 327 5.84 -15.36 -20.73
N ALA B 329 9.57 -15.71 -19.93
CA ALA B 329 10.70 -14.79 -20.07
C ALA B 329 11.94 -15.37 -19.39
N GLU B 330 13.10 -14.77 -19.68
CA GLU B 330 14.36 -15.29 -19.19
C GLU B 330 15.29 -14.19 -18.69
N ILE B 331 15.88 -14.41 -17.53
CA ILE B 331 16.99 -13.60 -17.05
C ILE B 331 18.26 -14.44 -17.12
N ASP B 332 19.20 -14.01 -17.95
CA ASP B 332 20.48 -14.69 -18.08
C ASP B 332 21.55 -13.94 -17.30
N CYS B 333 21.91 -14.47 -16.13
CA CYS B 333 22.85 -13.78 -15.25
C CYS B 333 24.28 -13.82 -15.77
N GLU B 334 24.59 -14.82 -16.59
CA GLU B 334 25.91 -14.93 -17.18
C GLU B 334 26.21 -13.75 -18.10
N ASN B 335 25.19 -13.32 -18.86
CA ASN B 335 25.34 -12.21 -19.79
C ASN B 335 24.63 -10.94 -19.32
N GLY B 336 23.79 -11.06 -18.30
CA GLY B 336 23.02 -9.94 -17.81
C GLY B 336 22.02 -9.49 -18.87
N SER B 337 21.46 -10.46 -19.58
CA SER B 337 20.51 -10.19 -20.65
C SER B 337 19.09 -10.56 -20.24
N PHE B 338 18.12 -10.09 -21.03
CA PHE B 338 16.73 -10.41 -20.79
C PHE B 338 16.06 -10.80 -22.10
N SER B 339 15.25 -11.85 -22.05
CA SER B 339 14.58 -12.36 -23.24
C SER B 339 13.16 -12.81 -22.95
N ILE B 340 12.30 -12.71 -23.97
CA ILE B 340 10.95 -13.24 -23.90
C ILE B 340 10.87 -14.43 -24.85
N LEU B 341 10.62 -15.61 -24.27
CA LEU B 341 10.80 -16.86 -25.00
C LEU B 341 9.54 -17.32 -25.75
N GLU B 342 8.75 -16.37 -26.23
CA GLU B 342 7.59 -16.71 -27.06
C GLU B 342 7.03 -15.45 -27.71
N SER B 343 6.13 -15.63 -28.67
CA SER B 343 5.50 -14.50 -29.34
C SER B 343 4.53 -13.80 -28.39
N GLY B 344 4.25 -12.53 -28.66
CA GLY B 344 3.29 -11.79 -27.87
C GLY B 344 1.87 -12.04 -28.34
N VAL B 345 1.73 -12.47 -29.59
CA VAL B 345 0.42 -12.66 -30.22
C VAL B 345 0.37 -13.93 -31.05
N GLU B 346 -0.85 -14.38 -31.35
CA GLU B 346 -1.05 -15.59 -32.14
C GLU B 346 -0.85 -15.31 -33.62
#